data_7DQ5
#
_entry.id   7DQ5
#
_cell.length_a   67.681
_cell.length_b   93.639
_cell.length_c   165.052
_cell.angle_alpha   90.000
_cell.angle_beta   90.000
_cell.angle_gamma   90.000
#
_symmetry.space_group_name_H-M   'P 21 21 21'
#
loop_
_entity.id
_entity.type
_entity.pdbx_description
1 polymer 'Putative ATP-dependent b-aminoacyl-ACP synthetase'
2 non-polymer '[(2~{R},3~{S},4~{R},5~{R})-5-(6-aminopurin-9-yl)-3,4-bis(oxidanyl)oxolan-2-yl]methyl ~{N}-[(3~{S})-3-azanyl-3-phenyl-propanoyl]sulfamate'
3 non-polymer 'CALCIUM ION'
4 water water
#
_entity_poly.entity_id   1
_entity_poly.type   'polypeptide(L)'
_entity_poly.pdbx_seq_one_letter_code
;MNHKVHHHHHHIEGRHMRVISNGRRAARARESVDNLYWFMLAAANSAPDTPAFVTRDGEGGVRTLSYRELRTRVDDFAAA
LAELGLDVDDRVVLEANVTPDAVAMLLACSLLGLPFIPVSPETPSGRLRSILDTAEPALFAQAEDGGRADVPATVGTARF
GAGGLRVERAPRARVRHRREIVGTDTAYIIFTSGTTGRPKGVVMSHRSVVSLYRAILEQGLITPEDRIATTSPLQFDFAL
FDIGLALGTGAALVPVPREELNWPRRFLAFLGDTGATQVHGVPSIWRPVLRHEPELLAGLDRVRGILFTGEDFPLPELRH
LQGLLPHARIVNGYGATESMACSFTEVPRPIPSDLERLSIGFPLPGFDVSLLDEHGRPVEEIGVAGQIHLRAPSMFSGYW
DDPEATARVLVSDPLDPRSGRTVLRSGDLAYRGEDGELYFAGRVDAQVQIRGNRVEPGEVERRLLEFPGISAAVALLVPR
PGNDPVLHAFVVVEPGGADFDKAKARAFCADTLPGYMIPANIVAVDDIPLTVNGKVDRADLATRVAGPF
;
_entity_poly.pdbx_strand_id   A,B
#
# COMPACT_ATOMS: atom_id res chain seq x y z
N ARG A 25 1.01 -15.05 24.53
CA ARG A 25 -0.45 -14.91 24.26
C ARG A 25 -0.74 -13.57 23.54
N ALA A 26 -0.09 -12.43 23.85
CA ALA A 26 -0.30 -11.17 23.08
C ALA A 26 0.41 -11.25 21.73
N ALA A 27 -0.32 -11.01 20.63
CA ALA A 27 0.23 -10.87 19.26
C ALA A 27 1.14 -9.63 19.15
N ARG A 28 2.22 -9.76 18.38
CA ARG A 28 3.26 -8.72 18.16
C ARG A 28 3.65 -8.81 16.70
N ALA A 29 3.52 -7.71 15.94
CA ALA A 29 3.98 -7.62 14.54
C ALA A 29 5.38 -8.23 14.43
N ARG A 30 5.57 -9.13 13.46
CA ARG A 30 6.91 -9.64 13.08
C ARG A 30 7.74 -8.62 12.28
N GLU A 31 9.06 -8.75 12.39
CA GLU A 31 10.10 -7.87 11.78
C GLU A 31 9.91 -7.73 10.25
N SER A 32 9.24 -8.64 9.57
CA SER A 32 9.06 -8.60 8.10
C SER A 32 7.74 -7.95 7.70
N VAL A 33 6.93 -7.51 8.64
CA VAL A 33 5.56 -6.99 8.39
C VAL A 33 5.60 -5.46 8.44
N ASP A 34 4.98 -4.79 7.48
CA ASP A 34 4.86 -3.32 7.51
C ASP A 34 4.22 -2.96 8.85
N ASN A 35 4.91 -2.15 9.64
CA ASN A 35 4.53 -1.78 11.03
C ASN A 35 5.37 -0.59 11.51
N LEU A 36 4.73 0.44 12.06
CA LEU A 36 5.42 1.66 12.55
C LEU A 36 6.51 1.23 13.54
N TYR A 37 6.33 0.20 14.34
CA TYR A 37 7.34 -0.16 15.38
C TYR A 37 8.66 -0.42 14.69
N TRP A 38 8.65 -1.32 13.70
CA TRP A 38 9.84 -1.80 12.96
C TRP A 38 10.37 -0.68 12.03
N PHE A 39 9.48 0.07 11.39
CA PHE A 39 9.88 1.22 10.54
C PHE A 39 10.63 2.27 11.39
N MET A 40 10.08 2.72 12.54
CA MET A 40 10.61 3.87 13.29
C MET A 40 11.82 3.48 14.15
N LEU A 41 11.95 2.22 14.55
CA LEU A 41 13.03 1.80 15.48
C LEU A 41 14.10 1.02 14.71
N ALA A 42 14.02 0.90 13.39
CA ALA A 42 15.12 0.34 12.55
C ALA A 42 16.45 1.01 12.92
N ALA A 43 16.47 2.31 13.21
CA ALA A 43 17.72 3.05 13.53
C ALA A 43 18.31 2.57 14.87
N ALA A 44 17.50 1.97 15.76
CA ALA A 44 17.99 1.36 17.01
C ALA A 44 19.01 0.23 16.74
N ASN A 45 18.99 -0.42 15.56
CA ASN A 45 19.91 -1.52 15.16
C ASN A 45 21.18 -0.99 14.49
N SER A 46 21.05 -0.06 13.53
CA SER A 46 22.17 0.58 12.79
C SER A 46 22.94 1.59 13.67
N ALA A 47 22.24 2.45 14.42
CA ALA A 47 22.83 3.61 15.15
C ALA A 47 22.15 3.78 16.50
N PRO A 48 22.27 2.80 17.42
CA PRO A 48 21.56 2.84 18.70
C PRO A 48 21.82 4.11 19.54
N ASP A 49 23.06 4.64 19.47
CA ASP A 49 23.57 5.72 20.34
C ASP A 49 23.31 7.09 19.71
N THR A 50 22.73 7.14 18.51
CA THR A 50 22.37 8.42 17.86
C THR A 50 21.10 9.00 18.50
N PRO A 51 20.96 10.34 18.56
CA PRO A 51 19.76 10.97 19.12
C PRO A 51 18.49 10.84 18.30
N ALA A 52 17.42 10.35 18.95
CA ALA A 52 16.04 10.21 18.41
C ALA A 52 15.23 11.46 18.74
N PHE A 53 15.45 12.01 19.93
CA PHE A 53 14.77 13.24 20.42
C PHE A 53 15.78 14.25 20.97
N VAL A 54 15.49 15.53 20.78
CA VAL A 54 16.15 16.64 21.52
C VAL A 54 15.05 17.40 22.26
N THR A 55 15.15 17.51 23.59
CA THR A 55 14.09 18.12 24.46
C THR A 55 14.70 19.26 25.27
N ARG A 56 13.84 20.08 25.88
CA ARG A 56 14.19 21.24 26.77
C ARG A 56 12.92 21.65 27.52
N GLY A 61 17.80 22.64 30.73
CA GLY A 61 18.59 22.77 29.49
C GLY A 61 18.21 21.71 28.46
N VAL A 62 19.16 21.39 27.57
CA VAL A 62 19.00 20.59 26.31
C VAL A 62 19.46 19.14 26.51
N ARG A 63 18.54 18.18 26.43
CA ARG A 63 18.85 16.72 26.60
C ARG A 63 18.47 15.96 25.33
N THR A 64 19.32 15.01 24.92
CA THR A 64 19.05 14.02 23.85
C THR A 64 18.49 12.73 24.48
N LEU A 65 17.59 12.05 23.78
CA LEU A 65 17.23 10.63 24.03
C LEU A 65 17.66 9.75 22.85
N SER A 66 18.46 8.73 23.11
CA SER A 66 19.03 7.87 22.04
C SER A 66 17.94 6.93 21.49
N TYR A 67 18.17 6.40 20.29
CA TYR A 67 17.31 5.42 19.59
C TYR A 67 17.13 4.20 20.49
N ARG A 68 18.20 3.78 21.17
CA ARG A 68 18.20 2.59 22.07
C ARG A 68 17.28 2.87 23.28
N GLU A 69 17.49 4.01 23.94
CA GLU A 69 16.69 4.47 25.09
C GLU A 69 15.22 4.53 24.65
N LEU A 70 14.92 5.16 23.50
CA LEU A 70 13.53 5.22 22.97
C LEU A 70 12.96 3.80 22.88
N ARG A 71 13.71 2.86 22.29
CA ARG A 71 13.19 1.49 22.00
C ARG A 71 12.85 0.79 23.32
N THR A 72 13.73 0.88 24.31
CA THR A 72 13.49 0.28 25.65
C THR A 72 12.19 0.84 26.21
N ARG A 73 11.99 2.14 26.11
CA ARG A 73 10.71 2.75 26.55
C ARG A 73 9.53 2.09 25.81
N VAL A 74 9.63 1.90 24.49
CA VAL A 74 8.53 1.32 23.68
C VAL A 74 8.23 -0.11 24.18
N ASP A 75 9.28 -0.90 24.37
CA ASP A 75 9.19 -2.30 24.84
C ASP A 75 8.57 -2.34 26.24
N ASP A 76 8.93 -1.41 27.11
CA ASP A 76 8.36 -1.36 28.48
C ASP A 76 6.86 -1.04 28.35
N PHE A 77 6.48 -0.07 27.56
CA PHE A 77 5.06 0.29 27.34
C PHE A 77 4.31 -0.88 26.70
N ALA A 78 4.90 -1.56 25.74
CA ALA A 78 4.27 -2.74 25.07
C ALA A 78 3.98 -3.86 26.07
N ALA A 79 4.96 -4.18 26.93
CA ALA A 79 4.82 -5.18 28.02
C ALA A 79 3.66 -4.77 28.93
N ALA A 80 3.54 -3.53 29.35
CA ALA A 80 2.40 -3.10 30.20
C ALA A 80 1.10 -3.22 29.40
N LEU A 81 1.08 -2.77 28.14
CA LEU A 81 -0.17 -2.79 27.33
C LEU A 81 -0.64 -4.24 27.13
N ALA A 82 0.31 -5.19 26.96
CA ALA A 82 0.09 -6.61 26.63
C ALA A 82 -0.64 -7.31 27.76
N GLU A 83 -0.29 -6.99 29.02
CA GLU A 83 -0.99 -7.39 30.28
C GLU A 83 -2.53 -7.29 30.20
N LEU A 84 -3.05 -6.31 29.47
CA LEU A 84 -4.48 -5.90 29.50
C LEU A 84 -5.36 -6.85 28.69
N GLY A 85 -4.78 -7.69 27.82
CA GLY A 85 -5.55 -8.72 27.10
C GLY A 85 -6.33 -8.14 25.94
N LEU A 86 -5.89 -7.01 25.38
CA LEU A 86 -6.57 -6.40 24.22
C LEU A 86 -6.28 -7.24 22.97
N ASP A 87 -7.33 -7.49 22.18
CA ASP A 87 -7.21 -8.15 20.86
C ASP A 87 -6.62 -7.14 19.86
N VAL A 88 -5.98 -7.63 18.79
CA VAL A 88 -5.65 -6.83 17.57
C VAL A 88 -6.96 -6.20 17.04
N ASP A 89 -6.90 -4.91 16.68
CA ASP A 89 -7.97 -4.04 16.13
C ASP A 89 -8.67 -3.30 17.28
N ASP A 90 -8.32 -3.59 18.53
CA ASP A 90 -8.88 -2.86 19.69
C ASP A 90 -8.19 -1.51 19.76
N ARG A 91 -8.99 -0.44 19.94
CA ARG A 91 -8.58 0.96 19.87
C ARG A 91 -8.16 1.50 21.23
N VAL A 92 -7.04 2.25 21.23
CA VAL A 92 -6.47 3.02 22.35
C VAL A 92 -6.50 4.50 21.94
N VAL A 93 -7.24 5.32 22.68
CA VAL A 93 -7.16 6.80 22.56
C VAL A 93 -5.89 7.23 23.30
N LEU A 94 -5.00 7.90 22.58
CA LEU A 94 -3.73 8.46 23.08
C LEU A 94 -3.90 9.97 23.16
N GLU A 95 -4.19 10.49 24.34
CA GLU A 95 -4.38 11.95 24.58
C GLU A 95 -3.03 12.49 25.03
N ALA A 96 -2.39 13.25 24.16
CA ALA A 96 -1.03 13.76 24.38
C ALA A 96 -0.62 14.59 23.18
N ASN A 97 0.37 15.44 23.39
CA ASN A 97 1.08 16.18 22.33
C ASN A 97 2.36 15.39 22.07
N VAL A 98 3.13 15.82 21.08
CA VAL A 98 4.33 15.07 20.65
C VAL A 98 5.37 15.19 21.77
N THR A 99 5.63 14.06 22.43
CA THR A 99 6.67 13.86 23.47
C THR A 99 7.34 12.51 23.26
N PRO A 100 8.54 12.30 23.83
CA PRO A 100 9.18 10.97 23.83
C PRO A 100 8.26 9.86 24.35
N ASP A 101 7.46 10.15 25.38
CA ASP A 101 6.55 9.14 25.97
C ASP A 101 5.36 8.89 25.04
N ALA A 102 4.78 9.93 24.45
CA ALA A 102 3.59 9.78 23.56
C ALA A 102 3.96 8.95 22.33
N VAL A 103 5.19 9.09 21.81
CA VAL A 103 5.67 8.35 20.61
C VAL A 103 5.94 6.91 21.03
N ALA A 104 6.61 6.67 22.17
CA ALA A 104 6.83 5.33 22.76
C ALA A 104 5.47 4.63 22.87
N MET A 105 4.42 5.33 23.28
CA MET A 105 3.08 4.73 23.40
C MET A 105 2.51 4.33 22.02
N LEU A 106 2.61 5.20 21.00
CA LEU A 106 1.95 4.89 19.71
C LEU A 106 2.73 3.76 19.03
N LEU A 107 4.04 3.66 19.29
CA LEU A 107 4.89 2.56 18.75
C LEU A 107 4.63 1.25 19.50
N ALA A 108 4.27 1.32 20.78
CA ALA A 108 3.86 0.16 21.61
C ALA A 108 2.45 -0.30 21.20
N CYS A 109 1.54 0.62 20.92
CA CYS A 109 0.21 0.28 20.31
C CYS A 109 0.40 -0.42 18.95
N SER A 110 1.33 0.10 18.12
CA SER A 110 1.69 -0.37 16.76
C SER A 110 2.17 -1.84 16.79
N LEU A 111 3.21 -2.15 17.58
CA LEU A 111 3.74 -3.53 17.74
C LEU A 111 2.59 -4.49 18.07
N LEU A 112 1.65 -4.10 18.93
CA LEU A 112 0.54 -4.95 19.43
C LEU A 112 -0.68 -4.85 18.50
N GLY A 113 -0.58 -4.17 17.38
CA GLY A 113 -1.69 -4.13 16.42
C GLY A 113 -2.91 -3.45 17.01
N LEU A 114 -2.73 -2.64 18.07
CA LEU A 114 -3.81 -1.85 18.72
C LEU A 114 -3.86 -0.48 18.08
N PRO A 115 -4.83 -0.18 17.19
CA PRO A 115 -4.91 1.13 16.56
C PRO A 115 -5.01 2.30 17.56
N PHE A 116 -4.14 3.29 17.43
CA PHE A 116 -4.12 4.47 18.32
C PHE A 116 -5.00 5.57 17.72
N ILE A 117 -5.72 6.28 18.58
CA ILE A 117 -6.52 7.47 18.19
C ILE A 117 -5.90 8.67 18.92
N PRO A 118 -5.07 9.47 18.23
CA PRO A 118 -4.43 10.63 18.84
C PRO A 118 -5.46 11.75 19.04
N VAL A 119 -5.52 12.27 20.26
CA VAL A 119 -6.37 13.44 20.67
C VAL A 119 -5.51 14.45 21.46
N SER A 120 -5.57 15.73 21.09
CA SER A 120 -4.79 16.79 21.79
C SER A 120 -5.42 17.04 23.16
N PRO A 121 -4.63 17.21 24.25
CA PRO A 121 -5.18 17.67 25.51
C PRO A 121 -5.99 18.97 25.39
N GLU A 122 -5.68 19.86 24.46
CA GLU A 122 -6.42 21.14 24.33
C GLU A 122 -7.77 20.90 23.65
N THR A 123 -8.12 19.68 23.24
CA THR A 123 -9.45 19.41 22.65
C THR A 123 -10.46 19.65 23.76
N PRO A 124 -11.58 20.35 23.50
CA PRO A 124 -12.67 20.44 24.48
C PRO A 124 -13.26 19.07 24.81
N SER A 125 -13.72 18.88 26.06
CA SER A 125 -14.31 17.63 26.59
C SER A 125 -15.55 17.23 25.79
N GLY A 126 -16.28 18.17 25.20
CA GLY A 126 -17.42 17.89 24.32
C GLY A 126 -17.01 16.95 23.21
N ARG A 127 -15.91 17.29 22.54
CA ARG A 127 -15.40 16.58 21.36
C ARG A 127 -14.71 15.26 21.76
N LEU A 128 -13.94 15.23 22.84
CA LEU A 128 -13.36 13.94 23.31
C LEU A 128 -14.52 12.97 23.54
N ARG A 129 -15.52 13.37 24.31
CA ARG A 129 -16.62 12.45 24.71
C ARG A 129 -17.32 11.94 23.44
N SER A 130 -17.40 12.80 22.41
CA SER A 130 -17.97 12.45 21.08
C SER A 130 -17.14 11.36 20.38
N ILE A 131 -15.81 11.48 20.44
CA ILE A 131 -14.83 10.47 19.90
C ILE A 131 -14.96 9.17 20.70
N LEU A 132 -14.96 9.23 22.03
CA LEU A 132 -15.08 8.00 22.88
C LEU A 132 -16.41 7.26 22.61
N ASP A 133 -17.51 7.97 22.35
CA ASP A 133 -18.84 7.35 22.04
C ASP A 133 -18.80 6.72 20.66
N THR A 134 -18.22 7.36 19.65
CA THR A 134 -18.14 6.77 18.28
C THR A 134 -17.08 5.67 18.24
N ALA A 135 -15.87 5.91 18.72
CA ALA A 135 -14.72 4.98 18.55
C ALA A 135 -14.88 3.77 19.46
N GLU A 136 -15.55 3.90 20.60
CA GLU A 136 -15.78 2.80 21.58
C GLU A 136 -14.43 2.11 21.80
N PRO A 137 -13.40 2.83 22.23
CA PRO A 137 -12.10 2.21 22.49
C PRO A 137 -12.11 1.30 23.72
N ALA A 138 -11.15 0.36 23.81
CA ALA A 138 -10.89 -0.47 25.01
C ALA A 138 -10.18 0.32 26.11
N LEU A 139 -9.44 1.36 25.74
CA LEU A 139 -8.49 2.04 26.68
C LEU A 139 -8.39 3.50 26.27
N PHE A 140 -8.30 4.36 27.29
CA PHE A 140 -7.95 5.78 27.17
C PHE A 140 -6.64 5.95 27.95
N ALA A 141 -5.57 6.38 27.27
CA ALA A 141 -4.26 6.65 27.91
C ALA A 141 -3.94 8.15 27.82
N GLN A 142 -3.43 8.72 28.91
CA GLN A 142 -2.99 10.13 28.96
C GLN A 142 -1.72 10.21 29.79
N ALA A 143 -1.06 11.37 29.76
CA ALA A 143 0.17 11.64 30.53
C ALA A 143 -0.17 11.56 32.02
N GLU A 144 0.84 11.34 32.86
CA GLU A 144 0.70 11.22 34.35
C GLU A 144 0.18 12.56 34.87
N ASP A 145 0.60 13.68 34.28
CA ASP A 145 0.21 15.04 34.73
C ASP A 145 -1.07 15.49 33.99
N GLY A 146 -1.77 14.57 33.32
CA GLY A 146 -2.78 14.87 32.30
C GLY A 146 -4.02 15.42 32.93
N GLY A 147 -4.74 16.28 32.22
CA GLY A 147 -5.82 17.12 32.77
C GLY A 147 -7.20 16.56 32.46
N ARG A 148 -7.28 15.35 31.92
CA ARG A 148 -8.59 14.76 31.60
C ARG A 148 -9.03 14.01 32.85
N ALA A 149 -10.35 13.89 33.04
CA ALA A 149 -10.96 13.02 34.07
C ALA A 149 -12.17 12.28 33.46
N ASP A 150 -13.16 13.02 32.95
CA ASP A 150 -14.57 12.57 32.76
C ASP A 150 -14.65 11.50 31.65
N VAL A 151 -14.21 10.28 31.96
CA VAL A 151 -14.15 9.15 30.97
C VAL A 151 -15.18 8.09 31.35
N PRO A 152 -16.13 7.77 30.45
CA PRO A 152 -17.07 6.65 30.64
C PRO A 152 -16.50 5.36 31.27
N ALA A 153 -17.31 4.68 32.11
CA ALA A 153 -16.94 3.46 32.86
C ALA A 153 -16.71 2.27 31.92
N THR A 154 -17.27 2.34 30.70
CA THR A 154 -17.19 1.27 29.66
C THR A 154 -15.81 1.26 28.97
N VAL A 155 -15.00 2.30 29.20
CA VAL A 155 -13.62 2.44 28.63
C VAL A 155 -12.60 2.31 29.76
N GLY A 156 -11.53 1.55 29.58
CA GLY A 156 -10.42 1.47 30.55
C GLY A 156 -9.58 2.74 30.48
N THR A 157 -8.79 3.01 31.53
CA THR A 157 -8.03 4.27 31.70
C THR A 157 -6.63 3.92 32.23
N ALA A 158 -5.62 4.65 31.73
CA ALA A 158 -4.21 4.48 32.13
C ALA A 158 -3.53 5.83 31.97
N ARG A 159 -2.36 5.93 32.57
CA ARG A 159 -1.54 7.15 32.56
C ARG A 159 -0.12 6.70 32.26
N PHE A 160 0.59 7.40 31.38
CA PHE A 160 1.97 7.00 31.01
C PHE A 160 2.91 8.12 31.44
N GLY A 161 4.14 7.76 31.76
CA GLY A 161 5.20 8.72 32.08
C GLY A 161 6.40 8.01 32.65
N ALA A 162 7.34 8.80 33.19
CA ALA A 162 8.53 8.36 33.96
C ALA A 162 8.14 7.16 34.85
N GLY A 163 8.91 6.08 34.78
CA GLY A 163 8.56 4.81 35.44
C GLY A 163 7.73 3.88 34.54
N GLY A 164 6.60 4.36 33.99
CA GLY A 164 5.86 3.56 32.97
C GLY A 164 4.37 3.84 32.89
N LEU A 165 3.61 2.79 32.59
CA LEU A 165 2.15 2.87 32.26
C LEU A 165 1.34 2.35 33.46
N ARG A 166 0.69 3.24 34.18
CA ARG A 166 -0.16 2.97 35.35
C ARG A 166 -1.60 2.83 34.87
N VAL A 167 -2.17 1.62 35.02
CA VAL A 167 -3.59 1.32 34.71
C VAL A 167 -4.40 1.79 35.90
N GLU A 168 -5.48 2.53 35.67
CA GLU A 168 -6.41 2.99 36.74
C GLU A 168 -7.64 2.08 36.74
N ARG A 169 -8.32 1.99 35.62
CA ARG A 169 -9.42 1.02 35.38
C ARG A 169 -8.95 0.07 34.28
N ALA A 170 -8.78 -1.22 34.58
CA ALA A 170 -8.44 -2.25 33.57
C ALA A 170 -9.57 -2.32 32.56
N PRO A 171 -9.27 -2.43 31.24
CA PRO A 171 -10.32 -2.62 30.26
C PRO A 171 -11.02 -3.98 30.44
N ARG A 172 -12.27 -4.05 29.99
CA ARG A 172 -13.12 -5.27 29.95
C ARG A 172 -12.24 -6.48 29.61
N ALA A 173 -12.54 -7.62 30.22
CA ALA A 173 -11.95 -8.92 29.82
C ALA A 173 -12.52 -9.29 28.44
N ARG A 174 -11.71 -9.99 27.63
CA ARG A 174 -12.13 -10.40 26.26
C ARG A 174 -11.29 -11.62 25.85
N VAL A 175 -11.77 -12.36 24.86
CA VAL A 175 -10.98 -13.42 24.18
C VAL A 175 -10.23 -12.77 23.00
N ARG A 176 -8.91 -12.97 22.95
CA ARG A 176 -8.02 -12.64 21.80
C ARG A 176 -8.29 -13.61 20.65
N HIS A 177 -8.93 -13.19 19.55
CA HIS A 177 -9.28 -14.03 18.37
C HIS A 177 -8.28 -13.89 17.20
N ARG A 178 -7.46 -12.84 17.15
CA ARG A 178 -6.53 -12.58 16.03
C ARG A 178 -5.18 -13.21 16.36
N ARG A 179 -4.67 -14.09 15.50
CA ARG A 179 -3.44 -14.89 15.74
C ARG A 179 -2.20 -14.07 15.38
N GLU A 180 -2.30 -13.28 14.31
CA GLU A 180 -1.12 -12.67 13.66
C GLU A 180 -1.48 -11.26 13.20
N ILE A 181 -0.55 -10.34 13.40
CA ILE A 181 -0.69 -8.93 12.93
C ILE A 181 -0.12 -8.85 11.50
N VAL A 182 -0.87 -8.16 10.63
CA VAL A 182 -0.56 -8.03 9.17
C VAL A 182 -0.38 -6.54 8.83
N GLY A 183 0.20 -6.23 7.67
CA GLY A 183 0.48 -4.86 7.22
C GLY A 183 -0.80 -4.08 6.96
N THR A 184 -1.93 -4.72 6.67
CA THR A 184 -3.21 -4.01 6.38
C THR A 184 -3.98 -3.69 7.67
N ASP A 185 -3.48 -4.17 8.82
CA ASP A 185 -4.04 -3.81 10.15
C ASP A 185 -3.96 -2.28 10.37
N THR A 186 -4.97 -1.71 11.03
CA THR A 186 -5.11 -0.28 11.32
C THR A 186 -4.02 0.15 12.31
N ALA A 187 -3.16 1.09 11.89
CA ALA A 187 -2.15 1.75 12.73
C ALA A 187 -2.79 2.84 13.61
N TYR A 188 -3.64 3.70 13.04
CA TYR A 188 -4.22 4.87 13.72
C TYR A 188 -5.52 5.32 13.02
N ILE A 189 -6.39 5.98 13.78
CA ILE A 189 -7.62 6.62 13.22
C ILE A 189 -7.59 8.08 13.61
N ILE A 190 -7.72 8.99 12.66
CA ILE A 190 -7.74 10.48 12.89
C ILE A 190 -9.20 10.92 12.85
N PHE A 191 -9.67 11.54 13.95
CA PHE A 191 -11.10 11.93 14.16
C PHE A 191 -11.29 13.45 14.04
N THR A 192 -12.32 13.87 13.30
CA THR A 192 -12.80 15.28 13.15
C THR A 192 -14.29 15.27 12.80
N PRO A 199 -18.84 13.17 12.97
CA PRO A 199 -17.51 12.86 13.49
C PRO A 199 -16.72 11.89 12.59
N LYS A 200 -15.70 12.39 11.89
CA LYS A 200 -15.05 11.74 10.71
C LYS A 200 -13.79 10.99 11.15
N GLY A 201 -13.71 9.68 10.94
CA GLY A 201 -12.58 8.83 11.37
C GLY A 201 -11.81 8.25 10.20
N VAL A 202 -10.68 8.84 9.85
CA VAL A 202 -9.79 8.30 8.77
C VAL A 202 -8.99 7.11 9.31
N VAL A 203 -9.35 5.90 8.88
CA VAL A 203 -8.68 4.64 9.29
C VAL A 203 -7.48 4.46 8.38
N MET A 204 -6.28 4.35 8.96
CA MET A 204 -5.03 4.22 8.20
C MET A 204 -4.29 2.96 8.65
N SER A 205 -4.05 2.08 7.67
CA SER A 205 -3.27 0.83 7.78
C SER A 205 -1.80 1.15 8.03
N HIS A 206 -1.07 0.25 8.70
CA HIS A 206 0.40 0.32 8.85
C HIS A 206 1.04 0.40 7.47
N ARG A 207 0.55 -0.39 6.52
CA ARG A 207 1.20 -0.49 5.18
C ARG A 207 1.05 0.84 4.43
N SER A 208 -0.11 1.50 4.58
CA SER A 208 -0.39 2.82 3.93
C SER A 208 0.63 3.88 4.41
N VAL A 209 0.79 4.04 5.72
CA VAL A 209 1.67 5.08 6.34
C VAL A 209 3.11 4.79 5.95
N VAL A 210 3.56 3.59 6.17
CA VAL A 210 4.97 3.21 5.93
C VAL A 210 5.29 3.49 4.46
N SER A 211 4.29 3.31 3.59
CA SER A 211 4.43 3.51 2.13
C SER A 211 4.68 5.01 1.89
N LEU A 212 3.95 5.87 2.60
CA LEU A 212 4.24 7.31 2.48
C LEU A 212 5.66 7.60 2.97
N TYR A 213 5.99 7.19 4.18
CA TYR A 213 7.37 7.35 4.74
C TYR A 213 8.42 6.93 3.70
N ARG A 214 8.20 5.82 2.98
CA ARG A 214 9.23 5.27 2.07
C ARG A 214 9.38 6.19 0.85
N ALA A 215 8.25 6.63 0.29
CA ALA A 215 8.16 7.53 -0.87
C ALA A 215 8.96 8.83 -0.61
N ILE A 216 8.67 9.51 0.50
CA ILE A 216 9.34 10.79 0.90
C ILE A 216 10.81 10.52 1.28
N LEU A 217 11.17 9.40 1.91
CA LEU A 217 12.60 9.04 2.12
C LEU A 217 13.31 9.01 0.75
N GLU A 218 12.65 8.51 -0.30
CA GLU A 218 13.26 8.35 -1.65
C GLU A 218 13.70 9.71 -2.19
N GLN A 219 12.90 10.75 -1.96
CA GLN A 219 13.12 12.18 -2.30
C GLN A 219 14.27 12.83 -1.52
N GLY A 220 14.74 12.27 -0.40
CA GLY A 220 15.98 12.65 0.30
C GLY A 220 15.93 14.06 0.89
N LEU A 221 14.77 14.50 1.39
CA LEU A 221 14.54 15.82 2.05
C LEU A 221 15.43 16.00 3.29
N ILE A 222 15.76 14.93 3.99
CA ILE A 222 16.27 14.94 5.38
C ILE A 222 17.41 13.93 5.41
N THR A 223 18.43 14.13 6.26
CA THR A 223 19.50 13.14 6.53
C THR A 223 19.57 12.86 8.03
N PRO A 224 20.25 11.78 8.48
CA PRO A 224 20.48 11.52 9.92
C PRO A 224 21.15 12.65 10.71
N GLU A 225 21.79 13.59 10.03
CA GLU A 225 22.47 14.72 10.72
C GLU A 225 21.41 15.78 11.12
N ASP A 226 20.21 15.71 10.56
CA ASP A 226 19.17 16.76 10.77
C ASP A 226 18.48 16.61 12.13
N ARG A 227 17.91 17.75 12.59
CA ARG A 227 17.07 17.91 13.80
C ARG A 227 15.77 18.57 13.37
N ILE A 228 14.68 17.80 13.38
CA ILE A 228 13.36 18.26 12.86
C ILE A 228 12.56 18.88 14.02
N ALA A 229 12.42 20.19 14.02
CA ALA A 229 11.47 20.92 14.88
C ALA A 229 10.06 20.66 14.34
N THR A 230 9.25 19.98 15.13
CA THR A 230 7.86 19.62 14.77
C THR A 230 6.98 20.46 15.67
N THR A 231 5.93 21.06 15.10
CA THR A 231 5.01 22.01 15.77
C THR A 231 3.56 21.52 15.80
N SER A 232 3.19 20.54 14.96
CA SER A 232 1.77 20.14 14.85
C SER A 232 1.33 19.43 16.13
N PRO A 233 0.04 19.54 16.50
CA PRO A 233 -0.52 18.66 17.55
C PRO A 233 -0.51 17.19 17.13
N LEU A 234 -0.47 16.26 18.07
CA LEU A 234 -0.33 14.80 17.72
C LEU A 234 -1.59 14.31 16.97
N GLN A 235 -2.76 14.88 17.22
CA GLN A 235 -4.03 14.51 16.53
C GLN A 235 -4.03 14.91 15.06
N PHE A 236 -3.01 15.63 14.61
CA PHE A 236 -2.86 16.06 13.19
C PHE A 236 -1.76 15.19 12.58
N ASP A 237 -2.04 14.57 11.41
CA ASP A 237 -1.13 13.54 10.85
C ASP A 237 0.16 14.21 10.40
N PHE A 238 0.19 15.55 10.38
CA PHE A 238 1.44 16.30 10.14
C PHE A 238 2.46 15.89 11.21
N ALA A 239 2.02 15.80 12.47
CA ALA A 239 2.88 15.30 13.57
C ALA A 239 3.33 13.89 13.22
N LEU A 240 2.39 13.05 12.75
CA LEU A 240 2.69 11.62 12.48
C LEU A 240 3.66 11.55 11.30
N PHE A 241 3.57 12.52 10.38
CA PHE A 241 4.46 12.68 9.21
C PHE A 241 5.88 12.97 9.71
N ASP A 242 5.99 13.93 10.61
CA ASP A 242 7.29 14.47 11.07
C ASP A 242 7.99 13.38 11.88
N ILE A 243 7.25 12.66 12.72
CA ILE A 243 7.81 11.63 13.64
C ILE A 243 8.39 10.49 12.79
N GLY A 244 7.64 10.07 11.78
CA GLY A 244 8.04 8.96 10.90
C GLY A 244 9.16 9.39 9.97
N LEU A 245 9.07 10.61 9.46
CA LEU A 245 10.11 11.13 8.55
C LEU A 245 11.43 11.12 9.30
N ALA A 246 11.46 11.63 10.53
CA ALA A 246 12.69 11.80 11.33
C ALA A 246 13.24 10.45 11.79
N LEU A 247 12.43 9.68 12.50
CA LEU A 247 12.81 8.36 13.04
C LEU A 247 13.09 7.39 11.88
N GLY A 248 12.27 7.37 10.83
CA GLY A 248 12.55 6.56 9.66
C GLY A 248 13.95 6.81 9.11
N THR A 249 14.38 8.06 9.09
CA THR A 249 15.66 8.48 8.50
C THR A 249 16.82 8.12 9.45
N GLY A 250 16.56 8.02 10.75
CA GLY A 250 17.61 8.04 11.81
C GLY A 250 18.03 9.46 12.22
N ALA A 251 17.23 10.47 11.88
CA ALA A 251 17.36 11.85 12.37
C ALA A 251 16.71 11.99 13.77
N ALA A 252 16.89 13.15 14.37
CA ALA A 252 16.38 13.48 15.71
C ALA A 252 15.13 14.36 15.55
N LEU A 253 14.10 14.05 16.34
CA LEU A 253 12.87 14.87 16.42
C LEU A 253 13.04 15.92 17.54
N VAL A 254 12.63 17.18 17.27
CA VAL A 254 12.62 18.29 18.27
C VAL A 254 11.18 18.77 18.43
N PRO A 255 10.41 18.14 19.35
CA PRO A 255 9.05 18.60 19.60
C PRO A 255 9.11 20.02 20.16
N VAL A 256 8.41 20.93 19.50
CA VAL A 256 8.15 22.32 19.96
C VAL A 256 6.84 22.33 20.73
N PRO A 257 6.88 22.53 22.07
CA PRO A 257 5.66 22.61 22.89
C PRO A 257 4.90 23.85 22.44
N ARG A 258 3.58 23.84 22.45
CA ARG A 258 2.72 24.96 21.98
C ARG A 258 3.02 26.24 22.78
N GLU A 259 3.42 26.12 24.06
CA GLU A 259 3.79 27.28 24.92
C GLU A 259 4.97 28.03 24.26
N GLU A 260 6.06 27.32 23.89
CA GLU A 260 7.24 27.93 23.19
C GLU A 260 6.82 28.58 21.86
N LEU A 261 5.80 28.06 21.21
CA LEU A 261 5.36 28.43 19.84
C LEU A 261 4.67 29.81 19.87
N ASN A 262 3.87 30.11 20.89
CA ASN A 262 2.97 31.27 20.94
C ASN A 262 3.75 32.60 20.94
N TRP A 263 4.95 32.60 21.53
CA TRP A 263 5.79 33.80 21.77
C TRP A 263 6.99 33.79 20.81
N PRO A 264 7.08 34.80 19.91
CA PRO A 264 8.05 34.78 18.83
C PRO A 264 9.51 34.62 19.28
N ARG A 265 9.94 35.37 20.27
CA ARG A 265 11.35 35.35 20.70
C ARG A 265 11.62 34.04 21.45
N ARG A 266 10.62 33.51 22.18
CA ARG A 266 10.71 32.22 22.92
C ARG A 266 10.91 31.10 21.91
N PHE A 267 10.13 31.15 20.84
CA PHE A 267 10.13 30.15 19.73
C PHE A 267 11.53 30.12 19.08
N LEU A 268 12.08 31.29 18.71
CA LEU A 268 13.39 31.38 18.04
C LEU A 268 14.49 30.96 19.02
N ALA A 269 14.34 31.29 20.31
CA ALA A 269 15.38 30.91 21.31
C ALA A 269 15.37 29.37 21.45
N PHE A 270 14.21 28.74 21.32
CA PHE A 270 14.03 27.27 21.43
C PHE A 270 14.72 26.57 20.27
N LEU A 271 14.44 27.03 19.05
CA LEU A 271 15.04 26.53 17.78
C LEU A 271 16.56 26.68 17.86
N GLY A 272 17.05 27.85 18.26
CA GLY A 272 18.49 28.11 18.44
C GLY A 272 19.09 27.19 19.48
N ASP A 273 18.49 27.03 20.66
CA ASP A 273 19.12 26.29 21.80
C ASP A 273 19.17 24.78 21.50
N THR A 274 18.21 24.25 20.74
CA THR A 274 18.09 22.80 20.40
C THR A 274 18.88 22.44 19.15
N GLY A 275 19.31 23.41 18.35
CA GLY A 275 20.07 23.17 17.10
C GLY A 275 19.20 22.64 15.97
N ALA A 276 17.89 22.94 15.97
CA ALA A 276 16.94 22.58 14.89
C ALA A 276 17.51 22.95 13.51
N THR A 277 17.53 22.00 12.57
CA THR A 277 18.03 22.23 11.17
C THR A 277 16.85 22.27 10.20
N GLN A 278 15.67 21.81 10.63
CA GLN A 278 14.45 21.81 9.80
C GLN A 278 13.29 22.24 10.70
N VAL A 279 12.38 23.05 10.19
CA VAL A 279 11.23 23.54 10.98
C VAL A 279 9.98 23.25 10.17
N HIS A 280 9.12 22.42 10.73
CA HIS A 280 7.86 21.94 10.12
C HIS A 280 6.70 22.55 10.88
N GLY A 281 5.72 23.08 10.16
CA GLY A 281 4.46 23.57 10.73
C GLY A 281 3.60 24.16 9.65
N VAL A 282 2.32 24.32 9.94
CA VAL A 282 1.39 25.07 9.07
C VAL A 282 1.98 26.48 8.89
N PRO A 283 1.51 27.24 7.87
CA PRO A 283 2.09 28.57 7.59
C PRO A 283 2.08 29.50 8.81
N SER A 284 1.01 29.47 9.59
CA SER A 284 0.76 30.31 10.78
C SER A 284 1.89 30.28 11.82
N ILE A 285 2.72 29.23 11.91
CA ILE A 285 3.79 29.24 12.94
C ILE A 285 4.75 30.42 12.69
N TRP A 286 4.77 30.98 11.48
CA TRP A 286 5.75 32.07 11.13
C TRP A 286 5.13 33.46 11.37
N ARG A 287 3.81 33.60 11.50
CA ARG A 287 3.13 34.92 11.44
C ARG A 287 3.61 35.83 12.58
N PRO A 288 3.52 35.42 13.86
CA PRO A 288 4.05 36.25 14.97
C PRO A 288 5.52 36.67 14.76
N VAL A 289 6.33 35.81 14.16
CA VAL A 289 7.80 36.00 14.10
C VAL A 289 8.08 37.02 13.00
N LEU A 290 7.27 36.99 11.94
CA LEU A 290 7.48 37.86 10.75
C LEU A 290 7.02 39.29 11.08
N ARG A 291 5.98 39.44 11.90
CA ARG A 291 5.50 40.76 12.40
C ARG A 291 6.42 41.34 13.46
N HIS A 292 6.86 40.56 14.46
CA HIS A 292 7.48 41.11 15.68
C HIS A 292 9.00 40.90 15.69
N GLU A 293 9.55 39.87 15.04
CA GLU A 293 10.99 39.51 15.24
C GLU A 293 11.66 39.05 13.96
N PRO A 294 11.48 39.74 12.80
CA PRO A 294 12.16 39.36 11.56
C PRO A 294 13.70 39.42 11.65
N GLU A 295 14.26 40.25 12.50
CA GLU A 295 15.73 40.38 12.61
C GLU A 295 16.28 39.12 13.29
N LEU A 296 15.59 38.59 14.29
CA LEU A 296 16.06 37.43 15.10
C LEU A 296 15.94 36.13 14.31
N LEU A 297 14.90 36.05 13.49
CA LEU A 297 14.59 34.89 12.59
C LEU A 297 15.72 34.75 11.58
N ALA A 298 16.18 35.86 11.03
CA ALA A 298 17.35 35.95 10.11
C ALA A 298 18.60 35.41 10.81
N GLY A 299 18.58 35.24 12.12
CA GLY A 299 19.77 34.84 12.90
C GLY A 299 19.85 33.34 13.10
N LEU A 300 18.84 32.56 12.68
CA LEU A 300 18.87 31.09 12.79
C LEU A 300 19.75 30.49 11.69
N ASP A 301 21.08 30.53 11.83
CA ASP A 301 21.99 30.03 10.75
C ASP A 301 21.97 28.49 10.64
N ARG A 302 21.46 27.75 11.63
CA ARG A 302 21.49 26.26 11.59
C ARG A 302 20.31 25.74 10.79
N VAL A 303 19.28 26.54 10.51
CA VAL A 303 18.04 26.10 9.80
C VAL A 303 18.34 25.93 8.29
N ARG A 304 18.37 24.70 7.80
CA ARG A 304 18.63 24.32 6.39
C ARG A 304 17.32 24.16 5.59
N GLY A 305 16.19 23.99 6.26
CA GLY A 305 14.93 23.64 5.59
C GLY A 305 13.70 23.93 6.43
N ILE A 306 12.62 24.30 5.75
CA ILE A 306 11.28 24.58 6.32
C ILE A 306 10.29 23.79 5.49
N LEU A 307 9.31 23.16 6.12
CA LEU A 307 8.25 22.42 5.41
C LEU A 307 6.89 22.89 5.94
N PHE A 308 5.96 23.22 5.06
CA PHE A 308 4.60 23.56 5.54
C PHE A 308 3.55 22.71 4.82
N THR A 309 2.34 22.62 5.39
CA THR A 309 1.15 22.02 4.76
C THR A 309 -0.07 22.60 5.48
N GLY A 310 -1.26 22.12 5.16
CA GLY A 310 -2.52 22.49 5.82
C GLY A 310 -3.34 23.40 4.95
N GLU A 311 -2.68 24.42 4.38
CA GLU A 311 -3.36 25.53 3.66
C GLU A 311 -2.31 26.34 2.91
N ASP A 312 -2.78 27.21 1.99
CA ASP A 312 -1.97 28.16 1.19
C ASP A 312 -1.05 28.91 2.15
N PHE A 313 0.24 29.04 1.87
CA PHE A 313 1.09 30.00 2.62
C PHE A 313 0.88 31.36 1.95
N PRO A 314 0.25 32.39 2.57
CA PRO A 314 0.10 33.68 1.89
C PRO A 314 1.48 34.11 1.39
N LEU A 315 1.57 34.45 0.09
CA LEU A 315 2.86 34.67 -0.64
C LEU A 315 3.67 35.84 -0.07
N PRO A 316 3.06 36.99 0.35
CA PRO A 316 3.81 38.05 1.02
C PRO A 316 4.58 37.62 2.27
N GLU A 317 3.96 36.82 3.13
CA GLU A 317 4.60 36.23 4.33
C GLU A 317 5.63 35.19 3.87
N LEU A 318 5.32 34.43 2.82
CA LEU A 318 6.25 33.38 2.34
C LEU A 318 7.52 34.02 1.76
N ARG A 319 7.37 35.07 0.94
CA ARG A 319 8.48 35.85 0.33
C ARG A 319 9.31 36.55 1.41
N HIS A 320 8.65 37.08 2.42
CA HIS A 320 9.33 37.68 3.60
C HIS A 320 10.18 36.61 4.31
N LEU A 321 9.58 35.46 4.63
CA LEU A 321 10.30 34.37 5.35
C LEU A 321 11.50 33.97 4.50
N GLN A 322 11.30 33.75 3.21
CA GLN A 322 12.43 33.32 2.31
C GLN A 322 13.56 34.36 2.30
N GLY A 323 13.19 35.64 2.12
CA GLY A 323 14.15 36.76 2.15
C GLY A 323 15.01 36.75 3.41
N LEU A 324 14.42 36.42 4.56
CA LEU A 324 15.07 36.42 5.90
C LEU A 324 15.98 35.18 6.10
N LEU A 325 15.65 34.03 5.52
CA LEU A 325 16.53 32.84 5.57
C LEU A 325 16.79 32.35 4.15
N PRO A 326 17.69 33.01 3.38
CA PRO A 326 18.00 32.59 2.02
C PRO A 326 18.71 31.22 1.92
N HIS A 327 19.43 30.76 2.96
CA HIS A 327 20.13 29.44 3.02
C HIS A 327 19.22 28.35 3.64
N ALA A 328 17.90 28.51 3.55
CA ALA A 328 16.89 27.54 3.97
C ALA A 328 15.97 27.24 2.79
N ARG A 329 15.94 25.97 2.40
CA ARG A 329 15.02 25.42 1.37
C ARG A 329 13.62 25.34 2.01
N ILE A 330 12.61 25.84 1.30
CA ILE A 330 11.19 25.84 1.74
C ILE A 330 10.44 24.81 0.88
N VAL A 331 9.76 23.86 1.51
CA VAL A 331 8.99 22.80 0.80
C VAL A 331 7.51 22.95 1.13
N ASN A 332 6.69 23.05 0.08
CA ASN A 332 5.21 22.97 0.09
C ASN A 332 4.82 21.49 0.08
N GLY A 333 4.32 20.95 1.21
CA GLY A 333 3.68 19.63 1.29
C GLY A 333 2.18 19.73 1.05
N TYR A 334 1.68 19.09 -0.01
CA TYR A 334 0.23 19.00 -0.31
C TYR A 334 -0.29 17.58 -0.08
N GLY A 335 -1.46 17.47 0.54
CA GLY A 335 -2.18 16.20 0.68
C GLY A 335 -3.23 16.28 1.76
N ALA A 336 -4.01 15.21 1.91
CA ALA A 336 -5.05 15.01 2.94
C ALA A 336 -4.71 13.76 3.78
N THR A 337 -5.36 13.66 4.95
CA THR A 337 -5.24 12.55 5.94
C THR A 337 -5.55 11.20 5.26
N GLU A 338 -6.52 11.20 4.33
CA GLU A 338 -6.99 10.00 3.59
C GLU A 338 -5.82 9.30 2.88
N SER A 339 -4.69 9.97 2.63
CA SER A 339 -3.48 9.37 2.02
C SER A 339 -2.20 9.78 2.78
N MET A 340 -2.36 10.37 3.96
CA MET A 340 -1.35 11.18 4.72
C MET A 340 -0.86 12.36 3.86
N ALA A 341 -0.30 12.13 2.69
CA ALA A 341 0.17 13.20 1.77
C ALA A 341 0.17 12.71 0.32
N CYS A 342 0.54 13.62 -0.58
CA CYS A 342 0.48 13.44 -2.05
C CYS A 342 1.73 14.02 -2.74
N SER A 343 2.08 15.29 -2.50
CA SER A 343 3.20 15.95 -3.22
C SER A 343 4.02 16.83 -2.29
N PHE A 344 5.30 16.92 -2.61
CA PHE A 344 6.28 17.79 -1.92
C PHE A 344 7.09 18.56 -2.95
N THR A 345 6.84 19.86 -3.06
CA THR A 345 7.43 20.81 -4.07
C THR A 345 8.24 21.91 -3.34
N GLU A 346 9.54 21.94 -3.59
CA GLU A 346 10.41 23.06 -3.17
C GLU A 346 9.92 24.35 -3.86
N VAL A 347 9.76 25.44 -3.10
CA VAL A 347 9.36 26.76 -3.64
C VAL A 347 10.54 27.34 -4.41
N PRO A 348 10.28 27.99 -5.59
CA PRO A 348 11.33 28.63 -6.40
C PRO A 348 12.13 29.64 -5.57
N ARG A 349 13.45 29.68 -5.75
CA ARG A 349 14.40 30.45 -4.93
C ARG A 349 15.13 31.42 -5.83
N PRO A 350 14.78 32.71 -5.87
CA PRO A 350 13.78 33.30 -4.99
C PRO A 350 12.35 33.21 -5.57
N ILE A 351 11.35 33.52 -4.77
CA ILE A 351 9.95 33.42 -5.24
C ILE A 351 9.77 34.56 -6.20
N PRO A 352 9.24 34.34 -7.42
CA PRO A 352 8.86 35.48 -8.25
C PRO A 352 7.89 36.41 -7.53
N SER A 353 8.15 37.72 -7.55
CA SER A 353 7.29 38.78 -6.96
C SER A 353 5.92 38.82 -7.67
N ASP A 354 5.82 38.40 -8.93
CA ASP A 354 4.56 38.44 -9.72
C ASP A 354 3.90 37.05 -9.75
N LEU A 355 4.42 36.06 -9.01
CA LEU A 355 3.82 34.69 -8.94
C LEU A 355 2.39 34.75 -8.36
N GLU A 356 1.41 34.27 -9.13
CA GLU A 356 -0.04 34.25 -8.79
C GLU A 356 -0.28 33.22 -7.67
N ARG A 357 0.30 32.02 -7.83
CA ARG A 357 0.00 30.80 -7.05
C ARG A 357 1.25 29.94 -6.94
N LEU A 358 1.55 29.43 -5.77
CA LEU A 358 2.62 28.43 -5.58
C LEU A 358 2.17 27.06 -6.13
N SER A 359 3.07 26.32 -6.76
CA SER A 359 2.79 24.98 -7.36
C SER A 359 2.82 23.90 -6.27
N ILE A 360 1.86 22.96 -6.32
CA ILE A 360 1.92 21.68 -5.54
C ILE A 360 2.54 20.58 -6.40
N GLY A 361 3.27 21.00 -7.46
CA GLY A 361 4.27 20.21 -8.18
C GLY A 361 3.73 18.90 -8.70
N PHE A 362 4.49 17.83 -8.46
CA PHE A 362 4.23 16.44 -8.96
C PHE A 362 4.05 15.52 -7.77
N PRO A 363 3.10 14.55 -7.87
CA PRO A 363 2.95 13.53 -6.83
C PRO A 363 4.27 12.80 -6.63
N LEU A 364 4.48 12.26 -5.43
CA LEU A 364 5.71 11.50 -5.07
C LEU A 364 5.86 10.33 -6.03
N PRO A 365 7.07 9.76 -6.15
CA PRO A 365 7.26 8.53 -6.93
C PRO A 365 6.32 7.42 -6.40
N GLY A 366 5.57 6.78 -7.30
CA GLY A 366 4.60 5.75 -6.89
C GLY A 366 3.24 6.33 -6.58
N PHE A 367 3.04 7.64 -6.80
CA PHE A 367 1.74 8.30 -6.60
C PHE A 367 1.33 8.87 -7.93
N ASP A 368 0.07 9.04 -8.24
CA ASP A 368 -0.36 9.57 -9.55
C ASP A 368 -1.69 10.29 -9.39
N VAL A 369 -1.86 11.38 -10.13
CA VAL A 369 -3.09 12.23 -10.12
C VAL A 369 -3.70 12.27 -11.52
N SER A 370 -5.01 12.03 -11.62
CA SER A 370 -5.82 12.55 -12.73
C SER A 370 -6.61 13.78 -12.24
N LEU A 371 -6.69 14.79 -13.10
CA LEU A 371 -7.71 15.84 -13.04
C LEU A 371 -8.91 15.40 -13.88
N LEU A 372 -10.03 15.11 -13.24
CA LEU A 372 -11.30 14.78 -13.93
C LEU A 372 -12.32 15.90 -13.78
N ASP A 373 -13.15 16.07 -14.81
CA ASP A 373 -14.31 16.98 -14.83
C ASP A 373 -15.45 16.31 -14.04
N GLU A 374 -16.61 16.97 -13.99
CA GLU A 374 -17.84 16.59 -13.20
C GLU A 374 -18.36 15.23 -13.67
N HIS A 375 -18.10 14.86 -14.93
CA HIS A 375 -18.45 13.55 -15.54
C HIS A 375 -17.30 12.55 -15.42
N GLY A 376 -16.23 12.83 -14.68
CA GLY A 376 -15.10 11.88 -14.49
C GLY A 376 -14.26 11.76 -15.74
N ARG A 377 -14.33 12.74 -16.62
CA ARG A 377 -13.64 12.79 -17.93
C ARG A 377 -12.30 13.49 -17.72
N PRO A 378 -11.18 12.97 -18.25
CA PRO A 378 -9.88 13.63 -18.09
C PRO A 378 -9.98 15.07 -18.60
N VAL A 379 -9.54 16.03 -17.79
CA VAL A 379 -9.23 17.43 -18.20
C VAL A 379 -7.84 17.36 -18.81
N GLU A 380 -7.68 17.68 -20.09
CA GLU A 380 -6.33 17.62 -20.74
C GLU A 380 -6.00 18.99 -21.34
N GLU A 381 -6.58 20.07 -20.81
CA GLU A 381 -6.31 21.48 -21.17
C GLU A 381 -5.64 22.16 -19.96
N ILE A 382 -4.37 22.56 -20.17
CA ILE A 382 -3.58 23.48 -19.30
C ILE A 382 -4.50 24.57 -18.76
N GLY A 383 -4.45 24.85 -17.45
CA GLY A 383 -5.14 26.03 -16.88
C GLY A 383 -6.58 25.76 -16.48
N VAL A 384 -7.19 24.66 -16.94
CA VAL A 384 -8.59 24.26 -16.61
C VAL A 384 -8.58 23.38 -15.34
N ALA A 385 -9.37 23.79 -14.34
CA ALA A 385 -9.50 23.09 -13.05
C ALA A 385 -10.40 21.88 -13.23
N GLY A 386 -9.96 20.72 -12.72
CA GLY A 386 -10.80 19.56 -12.46
C GLY A 386 -10.51 18.98 -11.08
N GLN A 387 -11.28 17.98 -10.66
CA GLN A 387 -11.16 17.42 -9.30
C GLN A 387 -9.97 16.46 -9.29
N ILE A 388 -9.05 16.61 -8.34
CA ILE A 388 -7.92 15.66 -8.15
C ILE A 388 -8.45 14.26 -7.80
N HIS A 389 -8.08 13.23 -8.56
CA HIS A 389 -8.22 11.80 -8.20
C HIS A 389 -6.82 11.20 -8.02
N LEU A 390 -6.54 10.69 -6.82
CA LEU A 390 -5.19 10.20 -6.44
C LEU A 390 -5.11 8.67 -6.45
N ARG A 391 -4.08 8.13 -7.11
CA ARG A 391 -3.65 6.72 -6.96
C ARG A 391 -2.42 6.76 -6.07
N ALA A 392 -2.43 6.07 -4.94
CA ALA A 392 -1.30 6.07 -3.99
C ALA A 392 -1.17 4.73 -3.27
N PRO A 393 0.06 4.35 -2.85
CA PRO A 393 0.24 3.18 -2.00
C PRO A 393 -0.20 3.47 -0.55
N SER A 394 -0.55 4.70 -0.23
CA SER A 394 -0.76 5.13 1.17
C SER A 394 -2.23 5.37 1.48
N MET A 395 -3.17 4.72 0.80
CA MET A 395 -4.61 5.06 0.88
C MET A 395 -5.25 4.56 2.19
N PHE A 396 -6.11 5.39 2.77
CA PHE A 396 -6.92 5.02 3.97
C PHE A 396 -7.79 3.79 3.61
N SER A 397 -8.21 3.03 4.63
CA SER A 397 -9.08 1.82 4.54
C SER A 397 -10.55 2.21 4.45
N GLY A 398 -10.92 3.36 4.98
CA GLY A 398 -12.33 3.79 5.07
C GLY A 398 -12.56 4.79 6.18
N TYR A 399 -13.75 5.38 6.20
CA TYR A 399 -14.19 6.28 7.28
C TYR A 399 -14.82 5.42 8.39
N TRP A 400 -14.29 5.47 9.62
CA TRP A 400 -14.84 4.75 10.80
C TRP A 400 -16.36 4.83 10.79
N ASP A 401 -16.99 3.66 10.79
CA ASP A 401 -18.46 3.52 10.94
C ASP A 401 -19.22 4.31 9.88
N ASP A 402 -18.67 4.56 8.68
CA ASP A 402 -19.32 5.40 7.64
C ASP A 402 -19.01 4.85 6.25
N PRO A 403 -19.62 3.71 5.87
CA PRO A 403 -19.43 3.13 4.53
C PRO A 403 -20.08 3.93 3.39
N GLU A 404 -21.18 4.63 3.63
CA GLU A 404 -21.76 5.57 2.62
C GLU A 404 -20.69 6.59 2.21
N ALA A 405 -20.07 7.25 3.18
CA ALA A 405 -19.08 8.32 2.92
C ALA A 405 -17.88 7.70 2.21
N THR A 406 -17.49 6.47 2.60
CA THR A 406 -16.32 5.77 2.05
C THR A 406 -16.55 5.52 0.56
N ALA A 407 -17.78 5.15 0.20
CA ALA A 407 -18.21 4.84 -1.19
C ALA A 407 -18.27 6.12 -2.05
N ARG A 408 -18.39 7.30 -1.43
CA ARG A 408 -18.41 8.60 -2.18
C ARG A 408 -16.99 9.13 -2.43
N VAL A 409 -15.98 8.62 -1.73
CA VAL A 409 -14.61 9.21 -1.69
C VAL A 409 -13.60 8.24 -2.31
N LEU A 410 -13.69 6.97 -1.94
CA LEU A 410 -12.82 5.87 -2.45
C LEU A 410 -13.58 5.10 -3.53
N VAL A 411 -13.34 5.39 -4.83
CA VAL A 411 -14.25 5.03 -5.95
C VAL A 411 -13.49 4.24 -7.02
N SER A 412 -14.23 3.51 -7.84
CA SER A 412 -13.77 2.93 -9.13
C SER A 412 -12.96 4.00 -9.86
N ASP A 413 -11.70 3.70 -10.19
CA ASP A 413 -10.87 4.54 -11.12
C ASP A 413 -11.68 4.85 -12.38
N PRO A 414 -12.06 6.13 -12.65
CA PRO A 414 -12.81 6.43 -13.87
C PRO A 414 -12.01 6.25 -15.17
N LEU A 415 -10.71 5.96 -15.11
CA LEU A 415 -9.89 5.61 -16.32
C LEU A 415 -9.81 4.09 -16.52
N ASP A 416 -10.42 3.31 -15.62
CA ASP A 416 -10.21 1.84 -15.43
C ASP A 416 -11.29 1.28 -14.51
N PRO A 417 -12.59 1.56 -14.79
CA PRO A 417 -13.65 1.23 -13.85
C PRO A 417 -13.91 -0.27 -13.59
N ARG A 418 -13.36 -1.17 -14.40
CA ARG A 418 -13.69 -2.63 -14.39
C ARG A 418 -12.67 -3.43 -13.58
N SER A 419 -11.49 -2.88 -13.38
CA SER A 419 -10.39 -3.53 -12.63
C SER A 419 -10.84 -3.72 -11.19
N GLY A 420 -11.67 -2.82 -10.66
CA GLY A 420 -11.94 -2.70 -9.22
C GLY A 420 -10.88 -1.89 -8.46
N ARG A 421 -9.79 -1.44 -9.08
CA ARG A 421 -8.78 -0.53 -8.45
C ARG A 421 -9.51 0.69 -7.88
N THR A 422 -9.22 1.15 -6.66
CA THR A 422 -9.90 2.37 -6.12
C THR A 422 -8.94 3.55 -6.16
N VAL A 423 -9.48 4.74 -6.42
CA VAL A 423 -8.77 6.05 -6.33
C VAL A 423 -9.48 6.92 -5.28
N LEU A 424 -8.78 7.91 -4.75
CA LEU A 424 -9.29 8.93 -3.82
C LEU A 424 -9.90 10.10 -4.62
N ARG A 425 -11.23 10.26 -4.59
CA ARG A 425 -11.98 11.47 -5.01
C ARG A 425 -11.71 12.51 -3.92
N SER A 426 -10.69 13.34 -4.13
CA SER A 426 -10.02 14.21 -3.13
C SER A 426 -10.92 15.37 -2.65
N GLY A 427 -11.95 15.78 -3.40
CA GLY A 427 -12.71 17.01 -3.04
C GLY A 427 -11.88 18.29 -3.20
N ASP A 428 -10.62 18.18 -3.66
CA ASP A 428 -9.73 19.33 -4.01
C ASP A 428 -9.74 19.56 -5.52
N LEU A 429 -10.02 20.79 -5.97
CA LEU A 429 -9.80 21.26 -7.37
C LEU A 429 -8.32 21.56 -7.59
N ALA A 430 -7.90 21.48 -8.84
CA ALA A 430 -6.53 21.83 -9.27
C ALA A 430 -6.55 22.00 -10.78
N TYR A 431 -5.56 22.73 -11.28
CA TYR A 431 -5.23 22.82 -12.72
C TYR A 431 -3.72 22.52 -12.85
N ARG A 432 -3.33 22.14 -14.07
CA ARG A 432 -1.93 21.96 -14.52
C ARG A 432 -1.44 23.18 -15.30
N GLY A 433 -0.15 23.47 -15.15
CA GLY A 433 0.66 24.35 -16.03
C GLY A 433 1.24 23.56 -17.18
N GLU A 434 2.08 24.18 -18.02
CA GLU A 434 2.59 23.61 -19.30
C GLU A 434 3.52 22.42 -19.04
N ASP A 435 4.14 22.33 -17.85
CA ASP A 435 5.08 21.23 -17.51
C ASP A 435 4.35 20.10 -16.75
N GLY A 436 3.02 20.21 -16.66
CA GLY A 436 2.18 19.22 -15.97
C GLY A 436 2.15 19.41 -14.47
N GLU A 437 2.80 20.45 -13.92
CA GLU A 437 2.83 20.72 -12.45
C GLU A 437 1.41 21.09 -12.04
N LEU A 438 1.06 20.81 -10.79
CA LEU A 438 -0.32 21.07 -10.29
C LEU A 438 -0.35 22.38 -9.50
N TYR A 439 -1.54 22.99 -9.43
CA TYR A 439 -1.85 24.18 -8.60
C TYR A 439 -3.18 23.91 -7.92
N PHE A 440 -3.19 23.95 -6.59
CA PHE A 440 -4.43 23.89 -5.76
C PHE A 440 -5.35 25.04 -6.17
N ALA A 441 -6.63 24.78 -6.42
CA ALA A 441 -7.63 25.78 -6.83
C ALA A 441 -8.83 25.71 -5.87
N GLY A 442 -8.59 25.29 -4.61
CA GLY A 442 -9.63 25.29 -3.57
C GLY A 442 -10.39 23.97 -3.49
N ARG A 443 -11.24 23.86 -2.47
CA ARG A 443 -12.20 22.74 -2.24
C ARG A 443 -13.40 22.91 -3.16
N VAL A 444 -14.01 21.80 -3.57
CA VAL A 444 -15.31 21.83 -4.32
C VAL A 444 -16.44 22.24 -3.34
N ASP A 445 -16.33 21.93 -2.03
CA ASP A 445 -17.14 22.50 -0.91
C ASP A 445 -17.26 24.04 -1.07
N ALA A 446 -16.12 24.74 -1.10
CA ALA A 446 -15.99 26.20 -1.17
C ALA A 446 -16.81 26.72 -2.36
N ASN A 453 -25.15 32.68 -8.25
CA ASN A 453 -23.85 33.19 -8.76
C ASN A 453 -22.72 32.85 -7.75
N ARG A 454 -21.85 31.90 -8.12
CA ARG A 454 -20.81 31.30 -7.23
C ARG A 454 -19.67 32.31 -7.01
N VAL A 455 -19.00 32.17 -5.87
CA VAL A 455 -17.92 33.06 -5.36
C VAL A 455 -16.69 32.18 -5.12
N GLU A 456 -15.59 32.39 -5.87
CA GLU A 456 -14.33 31.63 -5.64
C GLU A 456 -13.48 32.47 -4.69
N PRO A 457 -13.43 32.13 -3.38
CA PRO A 457 -12.95 33.06 -2.35
C PRO A 457 -11.41 33.10 -2.28
N GLY A 458 -10.75 32.04 -2.74
CA GLY A 458 -9.31 32.02 -3.04
C GLY A 458 -8.94 33.12 -4.03
N GLU A 459 -9.87 33.50 -4.92
CA GLU A 459 -9.68 34.54 -5.98
C GLU A 459 -9.93 35.94 -5.40
N VAL A 460 -10.86 36.04 -4.44
CA VAL A 460 -11.13 37.26 -3.65
C VAL A 460 -9.92 37.53 -2.78
N GLU A 461 -9.40 36.48 -2.12
CA GLU A 461 -8.41 36.66 -1.03
C GLU A 461 -7.02 36.87 -1.65
N ARG A 462 -6.83 36.34 -2.85
CA ARG A 462 -5.54 36.39 -3.59
C ARG A 462 -5.37 37.78 -4.20
N ARG A 463 -6.47 38.41 -4.63
CA ARG A 463 -6.43 39.76 -5.23
C ARG A 463 -6.41 40.82 -4.12
N LEU A 464 -6.82 40.47 -2.91
CA LEU A 464 -6.58 41.34 -1.73
C LEU A 464 -5.09 41.33 -1.37
N LEU A 465 -4.34 40.23 -1.57
CA LEU A 465 -2.89 40.19 -1.24
C LEU A 465 -2.17 41.28 -2.07
N GLU A 466 -2.50 41.42 -3.37
CA GLU A 466 -1.80 42.32 -4.35
C GLU A 466 -1.79 43.75 -3.81
N PHE A 467 -2.87 44.16 -3.13
CA PHE A 467 -2.97 45.48 -2.45
C PHE A 467 -1.88 45.56 -1.39
N PRO A 468 -1.15 46.70 -1.31
CA PRO A 468 0.10 46.76 -0.55
C PRO A 468 -0.22 46.95 0.95
N GLY A 469 0.56 46.33 1.83
CA GLY A 469 0.32 46.30 3.28
C GLY A 469 -0.52 45.11 3.75
N ILE A 470 -1.24 44.41 2.86
CA ILE A 470 -2.02 43.17 3.23
C ILE A 470 -1.09 41.96 3.10
N SER A 471 -0.75 41.33 4.21
CA SER A 471 0.18 40.17 4.26
C SER A 471 -0.59 38.82 4.20
N ALA A 472 -1.92 38.84 4.37
CA ALA A 472 -2.77 37.65 4.59
C ALA A 472 -4.25 38.08 4.62
N ALA A 473 -5.11 37.23 4.09
CA ALA A 473 -6.48 37.54 3.64
C ALA A 473 -7.37 36.28 3.68
N VAL A 474 -8.31 36.26 4.61
CA VAL A 474 -9.42 35.28 4.64
C VAL A 474 -10.68 35.96 4.10
N ALA A 475 -11.44 35.26 3.28
CA ALA A 475 -12.73 35.74 2.73
C ALA A 475 -13.80 34.66 2.97
N LEU A 476 -15.00 35.05 3.37
CA LEU A 476 -16.03 34.04 3.73
C LEU A 476 -17.43 34.65 3.69
N LEU A 477 -18.41 33.78 3.46
CA LEU A 477 -19.75 34.13 2.94
C LEU A 477 -20.78 33.76 4.02
N PRO A 485 -27.36 37.18 2.42
CA PRO A 485 -26.05 36.78 2.98
C PRO A 485 -24.93 37.57 2.29
N VAL A 486 -23.75 37.64 2.93
CA VAL A 486 -22.75 38.71 2.67
C VAL A 486 -21.35 38.08 2.62
N LEU A 487 -20.44 38.73 1.87
CA LEU A 487 -19.00 38.37 1.76
C LEU A 487 -18.18 39.37 2.59
N HIS A 488 -17.71 38.92 3.75
CA HIS A 488 -16.76 39.63 4.65
C HIS A 488 -15.37 39.18 4.22
N ALA A 489 -14.38 40.08 4.22
CA ALA A 489 -12.96 39.67 4.12
C ALA A 489 -12.12 40.36 5.21
N PHE A 490 -11.29 39.55 5.85
CA PHE A 490 -10.49 39.86 7.06
C PHE A 490 -9.04 39.73 6.63
N VAL A 491 -8.23 40.74 6.94
CA VAL A 491 -6.89 40.94 6.32
C VAL A 491 -5.89 41.36 7.40
N VAL A 492 -4.68 40.81 7.40
CA VAL A 492 -3.56 41.14 8.34
C VAL A 492 -2.68 42.23 7.71
N VAL A 493 -2.58 43.45 8.29
CA VAL A 493 -1.87 44.61 7.66
C VAL A 493 -0.74 45.13 8.56
N ASP A 501 -8.58 53.56 3.48
CA ASP A 501 -8.06 52.23 3.92
C ASP A 501 -8.96 51.17 3.28
N LYS A 502 -10.14 50.96 3.87
CA LYS A 502 -11.20 50.03 3.41
C LYS A 502 -11.52 50.27 1.93
N ALA A 503 -11.98 51.48 1.61
CA ALA A 503 -12.72 51.85 0.38
C ALA A 503 -11.78 51.77 -0.83
N LYS A 504 -10.46 51.75 -0.60
CA LYS A 504 -9.41 51.60 -1.65
C LYS A 504 -9.09 50.11 -1.82
N ALA A 505 -8.98 49.37 -0.71
CA ALA A 505 -8.93 47.89 -0.74
C ALA A 505 -10.14 47.42 -1.55
N ARG A 506 -11.34 47.94 -1.25
CA ARG A 506 -12.63 47.58 -1.92
C ARG A 506 -12.58 47.97 -3.39
N ALA A 507 -12.25 49.22 -3.71
CA ALA A 507 -12.11 49.70 -5.12
C ALA A 507 -11.04 48.85 -5.85
N PHE A 508 -9.87 48.63 -5.24
CA PHE A 508 -8.79 47.75 -5.77
C PHE A 508 -9.37 46.38 -6.14
N CYS A 509 -10.38 45.92 -5.39
CA CYS A 509 -11.13 44.65 -5.66
C CYS A 509 -12.09 44.88 -6.84
N ALA A 510 -12.87 45.97 -6.82
CA ALA A 510 -13.93 46.27 -7.81
C ALA A 510 -13.35 46.30 -9.23
N ASP A 511 -12.11 46.81 -9.41
CA ASP A 511 -11.29 46.83 -10.67
C ASP A 511 -11.32 45.47 -11.40
N THR A 512 -10.70 44.43 -10.81
CA THR A 512 -10.37 43.13 -11.45
C THR A 512 -11.37 42.03 -11.09
N LEU A 513 -12.48 42.34 -10.41
CA LEU A 513 -13.44 41.32 -9.90
C LEU A 513 -14.89 41.69 -10.24
N PRO A 514 -15.76 40.69 -10.43
CA PRO A 514 -17.19 40.93 -10.58
C PRO A 514 -17.85 41.38 -9.27
N GLY A 515 -18.85 42.27 -9.39
CA GLY A 515 -19.63 42.91 -8.31
C GLY A 515 -19.96 41.96 -7.15
N TYR A 516 -20.47 40.77 -7.45
CA TYR A 516 -20.90 39.75 -6.45
C TYR A 516 -19.68 39.15 -5.72
N MET A 517 -18.46 39.23 -6.27
CA MET A 517 -17.22 38.76 -5.58
C MET A 517 -16.52 39.92 -4.84
N ILE A 518 -17.13 41.10 -4.78
CA ILE A 518 -16.55 42.29 -4.10
C ILE A 518 -16.94 42.20 -2.63
N PRO A 519 -15.98 42.06 -1.69
CA PRO A 519 -16.31 42.01 -0.26
C PRO A 519 -17.10 43.25 0.23
N ALA A 520 -18.34 43.02 0.68
CA ALA A 520 -19.21 44.07 1.24
C ALA A 520 -18.50 44.80 2.39
N ASN A 521 -17.75 44.07 3.23
CA ASN A 521 -17.05 44.63 4.42
C ASN A 521 -15.65 43.99 4.53
N ILE A 522 -14.60 44.82 4.65
CA ILE A 522 -13.19 44.37 4.81
C ILE A 522 -12.65 44.87 6.15
N VAL A 523 -12.31 43.96 7.09
CA VAL A 523 -11.85 44.28 8.48
C VAL A 523 -10.35 43.97 8.58
N ALA A 524 -9.52 44.97 8.90
CA ALA A 524 -8.12 44.80 9.35
C ALA A 524 -8.10 43.95 10.61
N VAL A 525 -7.11 43.05 10.76
CA VAL A 525 -6.86 42.33 12.05
C VAL A 525 -5.36 42.29 12.36
N ASP A 526 -5.03 41.97 13.62
CA ASP A 526 -3.66 41.77 14.19
C ASP A 526 -3.17 40.37 13.77
N ASP A 527 -3.98 39.36 14.05
CA ASP A 527 -3.70 37.95 13.62
C ASP A 527 -5.03 37.30 13.18
N ILE A 528 -4.92 36.09 12.67
CA ILE A 528 -6.09 35.24 12.32
C ILE A 528 -6.28 34.24 13.45
N PRO A 529 -7.55 33.98 13.84
CA PRO A 529 -7.84 32.91 14.80
C PRO A 529 -7.52 31.54 14.14
N LEU A 530 -6.87 30.65 14.89
CA LEU A 530 -6.42 29.32 14.43
C LEU A 530 -7.26 28.22 15.08
N THR A 531 -7.50 27.13 14.35
CA THR A 531 -7.96 25.84 14.93
C THR A 531 -6.81 25.23 15.74
N VAL A 532 -7.13 24.19 16.48
CA VAL A 532 -6.14 23.49 17.34
C VAL A 532 -4.98 23.03 16.43
N ASN A 533 -5.26 22.64 15.17
CA ASN A 533 -4.27 22.04 14.22
C ASN A 533 -3.44 23.15 13.55
N GLY A 534 -3.86 24.39 13.69
CA GLY A 534 -3.11 25.58 13.25
C GLY A 534 -3.69 26.15 11.96
N LYS A 535 -4.86 25.71 11.51
CA LYS A 535 -5.45 26.25 10.27
C LYS A 535 -6.30 27.47 10.59
N VAL A 536 -6.61 28.26 9.58
CA VAL A 536 -7.53 29.41 9.65
C VAL A 536 -8.80 28.91 10.29
N ASP A 537 -9.28 29.56 11.36
CA ASP A 537 -10.61 29.29 11.96
C ASP A 537 -11.67 30.17 11.27
N ARG A 538 -12.05 29.73 10.05
CA ARG A 538 -13.18 30.28 9.27
C ARG A 538 -14.35 30.51 10.24
N ALA A 539 -14.70 29.51 11.04
CA ALA A 539 -15.93 29.45 11.86
C ALA A 539 -15.90 30.61 12.88
N ASP A 540 -14.75 30.82 13.52
CA ASP A 540 -14.48 31.88 14.53
C ASP A 540 -14.71 33.27 13.91
N LEU A 541 -14.02 33.58 12.82
CA LEU A 541 -14.23 34.85 12.05
C LEU A 541 -15.72 35.05 11.73
N ALA A 542 -16.42 34.00 11.31
CA ALA A 542 -17.84 34.02 10.86
C ALA A 542 -18.72 34.64 11.95
N THR A 543 -18.53 34.21 13.21
CA THR A 543 -19.25 34.70 14.43
C THR A 543 -18.99 36.21 14.66
N ARG A 544 -17.75 36.69 14.54
CA ARG A 544 -17.43 38.14 14.70
C ARG A 544 -17.57 38.84 13.34
N ARG B 25 8.67 8.80 -24.20
CA ARG B 25 7.34 9.38 -23.76
C ARG B 25 6.49 8.35 -22.95
N ALA B 26 6.59 7.04 -23.18
CA ALA B 26 5.90 6.02 -22.36
C ALA B 26 6.35 6.11 -20.89
N ALA B 27 5.39 5.92 -19.98
CA ALA B 27 5.59 5.74 -18.52
C ALA B 27 6.34 4.43 -18.23
N ARG B 28 7.20 4.45 -17.22
CA ARG B 28 8.02 3.31 -16.75
C ARG B 28 8.00 3.30 -15.21
N ALA B 29 7.67 2.17 -14.59
CA ALA B 29 7.78 2.03 -13.13
C ALA B 29 9.19 2.45 -12.70
N ARG B 30 9.29 3.26 -11.65
CA ARG B 30 10.55 3.65 -10.98
C ARG B 30 11.06 2.52 -10.08
N GLU B 31 12.38 2.47 -9.88
CA GLU B 31 13.14 1.43 -9.11
C GLU B 31 12.52 1.22 -7.72
N SER B 32 11.91 2.24 -7.13
CA SER B 32 11.48 2.22 -5.71
C SER B 32 10.00 1.85 -5.59
N VAL B 33 9.29 1.69 -6.70
CA VAL B 33 7.85 1.33 -6.73
C VAL B 33 7.78 -0.18 -7.02
N ASP B 34 7.08 -0.89 -6.14
CA ASP B 34 6.69 -2.30 -6.27
C ASP B 34 6.30 -2.54 -7.72
N ASN B 35 7.05 -3.44 -8.34
CA ASN B 35 6.89 -3.80 -9.77
C ASN B 35 7.70 -5.05 -10.08
N LEU B 36 7.06 -6.00 -10.74
CA LEU B 36 7.70 -7.30 -11.12
C LEU B 36 9.02 -7.05 -11.87
N TYR B 37 9.13 -6.01 -12.68
CA TYR B 37 10.38 -5.76 -13.46
C TYR B 37 11.54 -5.67 -12.48
N TRP B 38 11.43 -4.77 -11.49
CA TRP B 38 12.52 -4.43 -10.52
C TRP B 38 12.70 -5.61 -9.55
N PHE B 39 11.60 -6.25 -9.14
CA PHE B 39 11.66 -7.41 -8.21
C PHE B 39 12.41 -8.57 -8.88
N MET B 40 12.06 -8.96 -10.11
CA MET B 40 12.60 -10.19 -10.75
C MET B 40 14.00 -9.97 -11.32
N LEU B 41 14.38 -8.74 -11.68
CA LEU B 41 15.65 -8.50 -12.42
C LEU B 41 16.72 -7.92 -11.50
N ALA B 42 16.42 -7.73 -10.21
CA ALA B 42 17.43 -7.28 -9.24
C ALA B 42 18.65 -8.20 -9.30
N ALA B 43 18.51 -9.50 -9.56
CA ALA B 43 19.67 -10.44 -9.63
C ALA B 43 20.58 -10.12 -10.83
N ALA B 44 20.09 -9.40 -11.85
CA ALA B 44 20.92 -8.92 -12.98
C ALA B 44 22.03 -7.98 -12.49
N ASN B 45 21.89 -7.34 -11.32
CA ASN B 45 22.88 -6.39 -10.75
C ASN B 45 23.84 -7.08 -9.80
N SER B 46 23.38 -7.99 -8.93
CA SER B 46 24.22 -8.80 -7.98
C SER B 46 25.02 -9.86 -8.75
N ALA B 47 24.37 -10.59 -9.65
CA ALA B 47 24.87 -11.84 -10.27
C ALA B 47 24.42 -11.92 -11.72
N PRO B 48 24.86 -10.98 -12.59
CA PRO B 48 24.40 -10.94 -13.98
C PRO B 48 24.65 -12.25 -14.76
N ASP B 49 25.76 -12.94 -14.47
CA ASP B 49 26.27 -14.08 -15.27
C ASP B 49 25.76 -15.41 -14.68
N THR B 50 24.95 -15.36 -13.64
CA THR B 50 24.30 -16.57 -13.07
C THR B 50 23.11 -16.96 -13.94
N PRO B 51 22.79 -18.28 -14.04
CA PRO B 51 21.65 -18.73 -14.85
C PRO B 51 20.27 -18.40 -14.27
N ALA B 52 19.43 -17.75 -15.08
CA ALA B 52 18.01 -17.42 -14.80
C ALA B 52 17.11 -18.55 -15.31
N PHE B 53 17.48 -19.16 -16.45
CA PHE B 53 16.73 -20.25 -17.10
C PHE B 53 17.67 -21.40 -17.49
N VAL B 54 17.16 -22.62 -17.39
CA VAL B 54 17.79 -23.84 -17.98
C VAL B 54 16.76 -24.47 -18.94
N THR B 55 17.13 -24.67 -20.21
CA THR B 55 16.25 -25.21 -21.29
C THR B 55 16.94 -26.47 -21.87
N ARG B 56 16.39 -27.08 -22.93
CA ARG B 56 17.04 -28.22 -23.65
C ARG B 56 16.61 -28.24 -25.12
N VAL B 62 21.10 -29.04 -23.24
CA VAL B 62 21.07 -28.21 -22.00
C VAL B 62 21.67 -26.83 -22.31
N ARG B 63 20.84 -25.79 -22.40
CA ARG B 63 21.28 -24.38 -22.56
C ARG B 63 20.86 -23.57 -21.32
N THR B 64 21.75 -22.72 -20.79
CA THR B 64 21.42 -21.72 -19.74
C THR B 64 21.21 -20.35 -20.42
N LEU B 65 20.32 -19.53 -19.85
CA LEU B 65 20.19 -18.09 -20.16
C LEU B 65 20.47 -17.26 -18.89
N SER B 66 21.43 -16.35 -18.97
CA SER B 66 21.91 -15.56 -17.80
C SER B 66 20.88 -14.48 -17.46
N TYR B 67 20.96 -13.98 -16.22
CA TYR B 67 20.14 -12.86 -15.68
C TYR B 67 20.33 -11.64 -16.60
N ARG B 68 21.56 -11.39 -17.06
CA ARG B 68 21.91 -10.23 -17.92
C ARG B 68 21.23 -10.40 -19.29
N GLU B 69 21.38 -11.57 -19.90
CA GLU B 69 20.68 -11.93 -21.18
C GLU B 69 19.17 -11.72 -20.98
N LEU B 70 18.55 -12.27 -19.92
CA LEU B 70 17.11 -12.09 -19.63
C LEU B 70 16.79 -10.59 -19.61
N ARG B 71 17.57 -9.76 -18.89
CA ARG B 71 17.30 -8.30 -18.74
C ARG B 71 17.30 -7.64 -20.12
N THR B 72 18.29 -7.95 -20.95
CA THR B 72 18.41 -7.38 -22.32
C THR B 72 17.16 -7.74 -23.10
N ARG B 73 16.73 -8.98 -23.03
CA ARG B 73 15.50 -9.39 -23.75
C ARG B 73 14.33 -8.54 -23.24
N VAL B 74 14.20 -8.35 -21.91
CA VAL B 74 13.06 -7.56 -21.32
C VAL B 74 13.12 -6.12 -21.86
N ASP B 75 14.32 -5.52 -21.82
CA ASP B 75 14.54 -4.10 -22.26
C ASP B 75 14.22 -3.99 -23.76
N ASP B 76 14.59 -4.99 -24.55
CA ASP B 76 14.31 -4.96 -26.01
C ASP B 76 12.79 -5.02 -26.20
N PHE B 77 12.12 -5.94 -25.53
CA PHE B 77 10.65 -6.08 -25.64
C PHE B 77 9.98 -4.79 -25.13
N ALA B 78 10.46 -4.17 -24.04
CA ALA B 78 9.85 -2.93 -23.50
C ALA B 78 9.96 -1.77 -24.53
N ALA B 79 11.13 -1.64 -25.14
CA ALA B 79 11.39 -0.64 -26.22
C ALA B 79 10.38 -0.83 -27.37
N ALA B 80 10.19 -2.05 -27.86
CA ALA B 80 9.20 -2.30 -28.93
C ALA B 80 7.79 -2.00 -28.40
N LEU B 81 7.45 -2.45 -27.19
CA LEU B 81 6.07 -2.30 -26.65
C LEU B 81 5.73 -0.82 -26.50
N ALA B 82 6.71 0.00 -26.12
CA ALA B 82 6.55 1.43 -25.77
C ALA B 82 6.16 2.22 -27.03
N GLU B 83 6.75 1.88 -28.17
CA GLU B 83 6.43 2.40 -29.54
C GLU B 83 4.92 2.40 -29.84
N LEU B 84 4.15 1.47 -29.25
CA LEU B 84 2.73 1.24 -29.67
C LEU B 84 1.80 2.31 -29.09
N GLY B 85 2.23 3.07 -28.07
CA GLY B 85 1.42 4.17 -27.53
C GLY B 85 0.32 3.69 -26.57
N LEU B 86 0.53 2.57 -25.88
CA LEU B 86 -0.47 2.05 -24.92
C LEU B 86 -0.40 2.88 -23.63
N ASP B 87 -1.58 3.23 -23.11
CA ASP B 87 -1.75 3.87 -21.76
C ASP B 87 -1.46 2.85 -20.66
N VAL B 88 -1.07 3.32 -19.48
CA VAL B 88 -1.08 2.47 -18.25
C VAL B 88 -2.52 1.97 -17.99
N ASP B 89 -2.66 0.70 -17.63
CA ASP B 89 -3.90 -0.09 -17.39
C ASP B 89 -4.33 -0.78 -18.70
N ASP B 90 -3.67 -0.53 -19.83
CA ASP B 90 -3.99 -1.19 -21.12
C ASP B 90 -3.45 -2.63 -21.06
N ARG B 91 -4.27 -3.55 -21.55
CA ARG B 91 -4.06 -5.00 -21.35
C ARG B 91 -3.42 -5.63 -22.58
N VAL B 92 -2.44 -6.50 -22.30
CA VAL B 92 -1.73 -7.36 -23.28
C VAL B 92 -2.05 -8.82 -22.93
N VAL B 93 -2.72 -9.51 -23.84
CA VAL B 93 -2.88 -10.99 -23.76
C VAL B 93 -1.54 -11.60 -24.18
N LEU B 94 -0.91 -12.37 -23.28
CA LEU B 94 0.33 -13.14 -23.55
C LEU B 94 -0.08 -14.60 -23.70
N GLU B 95 -0.23 -15.12 -24.92
CA GLU B 95 -0.57 -16.53 -25.17
C GLU B 95 0.73 -17.30 -25.29
N ALA B 96 1.03 -18.15 -24.32
CA ALA B 96 2.32 -18.84 -24.27
C ALA B 96 2.33 -19.82 -23.11
N ASN B 97 3.28 -20.73 -23.16
CA ASN B 97 3.70 -21.53 -22.00
C ASN B 97 4.88 -20.84 -21.33
N VAL B 98 5.34 -21.36 -20.21
CA VAL B 98 6.50 -20.77 -19.51
C VAL B 98 7.74 -20.99 -20.38
N THR B 99 8.26 -19.91 -20.95
CA THR B 99 9.51 -19.85 -21.77
C THR B 99 10.27 -18.60 -21.36
N PRO B 100 11.59 -18.55 -21.62
CA PRO B 100 12.37 -17.33 -21.41
C PRO B 100 11.75 -16.09 -22.09
N ASP B 101 11.17 -16.27 -23.27
CA ASP B 101 10.56 -15.16 -24.03
C ASP B 101 9.26 -14.72 -23.36
N ALA B 102 8.42 -15.66 -22.92
CA ALA B 102 7.11 -15.35 -22.32
C ALA B 102 7.31 -14.54 -21.01
N VAL B 103 8.37 -14.85 -20.25
CA VAL B 103 8.70 -14.15 -18.99
C VAL B 103 9.25 -12.75 -19.32
N ALA B 104 10.19 -12.64 -20.26
CA ALA B 104 10.70 -11.35 -20.75
C ALA B 104 9.50 -10.47 -21.16
N MET B 105 8.47 -11.03 -21.79
CA MET B 105 7.31 -10.21 -22.21
C MET B 105 6.50 -9.71 -20.99
N LEU B 106 6.24 -10.56 -19.99
CA LEU B 106 5.41 -10.15 -18.85
C LEU B 106 6.18 -9.13 -18.02
N LEU B 107 7.51 -9.21 -17.98
CA LEU B 107 8.36 -8.23 -17.25
C LEU B 107 8.42 -6.89 -18.03
N ALA B 108 8.32 -6.93 -19.36
CA ALA B 108 8.25 -5.74 -20.22
C ALA B 108 6.85 -5.15 -20.14
N CYS B 109 5.80 -5.95 -19.98
CA CYS B 109 4.43 -5.42 -19.74
C CYS B 109 4.42 -4.73 -18.37
N SER B 110 5.10 -5.32 -17.39
CA SER B 110 5.23 -4.86 -15.98
C SER B 110 5.87 -3.45 -15.90
N LEU B 111 7.09 -3.28 -16.42
CA LEU B 111 7.80 -1.98 -16.46
C LEU B 111 6.89 -0.90 -17.04
N LEU B 112 6.11 -1.20 -18.09
CA LEU B 112 5.25 -0.19 -18.77
C LEU B 112 3.86 -0.10 -18.12
N GLY B 113 3.64 -0.76 -17.00
CA GLY B 113 2.32 -0.71 -16.35
C GLY B 113 1.20 -1.25 -17.22
N LEU B 114 1.52 -2.16 -18.14
CA LEU B 114 0.51 -2.80 -19.03
C LEU B 114 0.15 -4.14 -18.39
N PRO B 115 -1.03 -4.29 -17.77
CA PRO B 115 -1.44 -5.59 -17.22
C PRO B 115 -1.45 -6.74 -18.26
N PHE B 116 -0.77 -7.83 -17.93
CA PHE B 116 -0.68 -9.01 -18.81
C PHE B 116 -1.79 -10.00 -18.44
N ILE B 117 -2.37 -10.62 -19.48
CA ILE B 117 -3.40 -11.68 -19.34
C ILE B 117 -2.80 -12.94 -19.93
N PRO B 118 -2.26 -13.86 -19.09
CA PRO B 118 -1.61 -15.07 -19.57
C PRO B 118 -2.68 -16.06 -20.06
N VAL B 119 -2.50 -16.61 -21.25
CA VAL B 119 -3.40 -17.62 -21.88
C VAL B 119 -2.58 -18.82 -22.39
N SER B 120 -3.01 -20.03 -22.07
CA SER B 120 -2.39 -21.28 -22.57
C SER B 120 -2.68 -21.41 -24.06
N PRO B 121 -1.71 -21.84 -24.90
CA PRO B 121 -2.02 -22.18 -26.28
C PRO B 121 -3.15 -23.21 -26.43
N GLU B 122 -3.30 -24.14 -25.47
CA GLU B 122 -4.36 -25.18 -25.46
C GLU B 122 -5.75 -24.55 -25.36
N THR B 123 -5.86 -23.30 -24.91
CA THR B 123 -7.17 -22.64 -24.69
C THR B 123 -7.95 -22.68 -25.99
N PRO B 124 -9.22 -23.16 -25.98
CA PRO B 124 -10.03 -23.13 -27.19
C PRO B 124 -10.34 -21.68 -27.63
N SER B 125 -10.48 -21.46 -28.93
CA SER B 125 -10.66 -20.12 -29.55
C SER B 125 -11.93 -19.43 -29.03
N GLY B 126 -12.97 -20.17 -28.71
CA GLY B 126 -14.23 -19.60 -28.18
C GLY B 126 -14.00 -18.93 -26.84
N ARG B 127 -13.12 -19.51 -26.00
CA ARG B 127 -12.86 -18.99 -24.63
C ARG B 127 -11.93 -17.78 -24.71
N LEU B 128 -10.94 -17.83 -25.61
CA LEU B 128 -10.07 -16.66 -25.85
C LEU B 128 -10.97 -15.50 -26.26
N ARG B 129 -11.83 -15.70 -27.26
CA ARG B 129 -12.67 -14.63 -27.83
C ARG B 129 -13.58 -14.06 -26.73
N SER B 130 -13.94 -14.86 -25.73
CA SER B 130 -14.73 -14.44 -24.54
C SER B 130 -13.90 -13.54 -23.63
N ILE B 131 -12.63 -13.88 -23.42
CA ILE B 131 -11.65 -13.05 -22.66
C ILE B 131 -11.36 -11.74 -23.45
N LEU B 132 -11.19 -11.79 -24.76
CA LEU B 132 -10.94 -10.59 -25.61
C LEU B 132 -12.14 -9.64 -25.53
N ASP B 133 -13.37 -10.18 -25.52
CA ASP B 133 -14.62 -9.37 -25.42
C ASP B 133 -14.70 -8.71 -24.05
N THR B 134 -14.38 -9.42 -22.96
CA THR B 134 -14.45 -8.85 -21.59
C THR B 134 -13.28 -7.90 -21.38
N ALA B 135 -12.06 -8.37 -21.58
CA ALA B 135 -10.85 -7.66 -21.12
C ALA B 135 -10.56 -6.44 -22.01
N GLU B 136 -11.02 -6.47 -23.26
CA GLU B 136 -10.83 -5.38 -24.27
C GLU B 136 -9.38 -4.98 -24.23
N PRO B 137 -8.47 -5.94 -24.48
CA PRO B 137 -7.04 -5.62 -24.52
C PRO B 137 -6.67 -4.82 -25.80
N ALA B 138 -5.55 -4.14 -25.74
CA ALA B 138 -5.00 -3.34 -26.85
C ALA B 138 -4.22 -4.24 -27.82
N LEU B 139 -3.69 -5.36 -27.30
CA LEU B 139 -2.67 -6.17 -28.02
C LEU B 139 -2.81 -7.63 -27.58
N PHE B 140 -2.68 -8.55 -28.55
CA PHE B 140 -2.54 -10.01 -28.36
C PHE B 140 -1.14 -10.40 -28.85
N ALA B 141 -0.31 -11.00 -27.99
CA ALA B 141 1.08 -11.37 -28.32
C ALA B 141 1.27 -12.87 -28.17
N GLN B 142 1.91 -13.53 -29.13
CA GLN B 142 2.15 -14.99 -29.07
C GLN B 142 3.59 -15.27 -29.52
N ALA B 143 4.06 -16.50 -29.31
CA ALA B 143 5.42 -16.94 -29.71
C ALA B 143 5.47 -16.92 -31.23
N GLU B 144 6.69 -16.86 -31.77
CA GLU B 144 6.97 -16.78 -33.24
C GLU B 144 6.39 -18.03 -33.92
N ASP B 145 6.47 -19.18 -33.24
CA ASP B 145 6.03 -20.49 -33.79
C ASP B 145 4.58 -20.77 -33.35
N GLY B 146 3.86 -19.74 -32.90
CA GLY B 146 2.51 -19.87 -32.33
C GLY B 146 1.48 -20.19 -33.39
N GLY B 147 0.40 -20.88 -33.02
CA GLY B 147 -0.59 -21.40 -33.98
C GLY B 147 -1.88 -20.61 -33.97
N ARG B 148 -1.99 -19.56 -33.17
CA ARG B 148 -3.28 -18.84 -33.03
C ARG B 148 -3.49 -17.95 -34.26
N ALA B 149 -4.68 -18.04 -34.86
CA ALA B 149 -5.15 -17.24 -36.01
C ALA B 149 -6.50 -16.58 -35.66
N ASP B 150 -6.90 -15.58 -36.46
CA ASP B 150 -8.23 -14.91 -36.42
C ASP B 150 -8.60 -14.27 -35.05
N VAL B 151 -7.62 -13.92 -34.22
CA VAL B 151 -7.76 -12.84 -33.19
C VAL B 151 -8.52 -11.70 -33.85
N PRO B 152 -9.63 -11.20 -33.25
CA PRO B 152 -10.40 -10.10 -33.85
C PRO B 152 -9.60 -8.88 -34.32
N ALA B 153 -10.10 -8.22 -35.38
CA ALA B 153 -9.45 -7.05 -36.04
C ALA B 153 -9.38 -5.85 -35.11
N THR B 154 -10.22 -5.79 -34.07
CA THR B 154 -10.30 -4.68 -33.07
C THR B 154 -9.12 -4.73 -32.08
N VAL B 155 -8.33 -5.80 -32.08
CA VAL B 155 -7.17 -6.00 -31.18
C VAL B 155 -5.88 -6.05 -32.00
N GLY B 156 -4.80 -5.47 -31.48
CA GLY B 156 -3.48 -5.53 -32.11
C GLY B 156 -2.89 -6.90 -31.92
N THR B 157 -1.95 -7.28 -32.78
CA THR B 157 -1.31 -8.62 -32.78
C THR B 157 0.19 -8.47 -32.95
N ALA B 158 0.97 -9.31 -32.30
CA ALA B 158 2.43 -9.31 -32.34
C ALA B 158 2.94 -10.72 -32.10
N ARG B 159 4.20 -10.97 -32.40
CA ARG B 159 4.85 -12.26 -32.10
C ARG B 159 6.17 -11.95 -31.44
N PHE B 160 6.55 -12.73 -30.44
CA PHE B 160 7.84 -12.50 -29.76
C PHE B 160 8.71 -13.73 -29.96
N GLY B 161 10.02 -13.48 -30.08
CA GLY B 161 11.12 -14.43 -29.92
C GLY B 161 12.40 -13.72 -29.51
N ALA B 162 13.49 -14.46 -29.27
CA ALA B 162 14.85 -13.91 -29.15
C ALA B 162 15.11 -12.96 -30.33
N GLY B 163 14.42 -13.11 -31.48
CA GLY B 163 14.46 -12.14 -32.60
C GLY B 163 13.96 -10.75 -32.21
N GLY B 164 13.15 -10.65 -31.16
CA GLY B 164 12.48 -9.42 -30.70
C GLY B 164 10.96 -9.52 -30.84
N LEU B 165 10.28 -8.38 -30.73
CA LEU B 165 8.79 -8.29 -30.80
C LEU B 165 8.39 -7.71 -32.15
N ARG B 166 7.84 -8.58 -33.01
CA ARG B 166 7.35 -8.21 -34.35
C ARG B 166 5.84 -7.94 -34.23
N VAL B 167 5.43 -6.70 -34.44
CA VAL B 167 4.01 -6.26 -34.52
C VAL B 167 3.48 -6.68 -35.88
N GLU B 168 2.31 -7.32 -35.93
CA GLU B 168 1.61 -7.71 -37.18
C GLU B 168 0.56 -6.65 -37.51
N ARG B 169 -0.31 -6.34 -36.55
CA ARG B 169 -1.38 -5.32 -36.63
C ARG B 169 -1.16 -4.37 -35.45
N ALA B 170 -0.85 -3.10 -35.71
CA ALA B 170 -0.60 -2.09 -34.65
C ALA B 170 -1.89 -1.88 -33.89
N PRO B 171 -1.83 -1.75 -32.54
CA PRO B 171 -2.98 -1.36 -31.74
C PRO B 171 -3.51 0.03 -32.13
N ARG B 172 -4.80 0.20 -31.93
CA ARG B 172 -5.55 1.46 -32.16
C ARG B 172 -4.70 2.65 -31.68
N ALA B 173 -4.85 3.80 -32.35
CA ALA B 173 -4.37 5.11 -31.84
C ALA B 173 -5.11 5.43 -30.54
N ARG B 174 -4.40 5.98 -29.54
CA ARG B 174 -5.03 6.38 -28.25
C ARG B 174 -4.28 7.57 -27.64
N VAL B 175 -5.01 8.32 -26.81
CA VAL B 175 -4.44 9.39 -25.95
C VAL B 175 -4.04 8.77 -24.61
N ARG B 176 -2.76 8.86 -24.25
CA ARG B 176 -2.20 8.43 -22.95
C ARG B 176 -2.59 9.45 -21.85
N HIS B 177 -3.37 9.05 -20.84
CA HIS B 177 -3.81 9.94 -19.73
C HIS B 177 -2.96 9.75 -18.46
N ARG B 178 -2.29 8.62 -18.27
CA ARG B 178 -1.64 8.30 -16.98
C ARG B 178 -0.22 8.84 -16.96
N ARG B 179 0.17 9.68 -16.00
CA ARG B 179 1.55 10.25 -15.89
C ARG B 179 2.52 9.27 -15.21
N GLU B 180 2.07 8.52 -14.23
CA GLU B 180 2.96 7.79 -13.29
C GLU B 180 2.42 6.40 -12.99
N ILE B 181 3.31 5.43 -13.00
CA ILE B 181 2.99 4.02 -12.61
C ILE B 181 3.19 3.90 -11.09
N VAL B 182 2.22 3.23 -10.44
CA VAL B 182 2.16 3.05 -8.98
C VAL B 182 2.15 1.55 -8.64
N GLY B 183 2.44 1.19 -7.40
CA GLY B 183 2.48 -0.20 -6.93
C GLY B 183 1.09 -0.83 -6.94
N THR B 184 0.02 -0.04 -6.86
CA THR B 184 -1.40 -0.55 -6.85
C THR B 184 -1.89 -0.80 -8.29
N ASP B 185 -1.11 -0.41 -9.30
CA ASP B 185 -1.41 -0.74 -10.73
C ASP B 185 -1.44 -2.27 -10.91
N THR B 186 -2.37 -2.71 -11.76
CA THR B 186 -2.64 -4.12 -12.11
C THR B 186 -1.42 -4.71 -12.84
N ALA B 187 -0.80 -5.73 -12.26
CA ALA B 187 0.31 -6.51 -12.86
C ALA B 187 -0.24 -7.49 -13.89
N TYR B 188 -1.28 -8.25 -13.51
CA TYR B 188 -1.83 -9.37 -14.32
C TYR B 188 -3.28 -9.64 -13.95
N ILE B 189 -4.05 -10.17 -14.89
CA ILE B 189 -5.42 -10.68 -14.62
C ILE B 189 -5.44 -12.14 -15.02
N ILE B 190 -5.79 -13.03 -14.10
CA ILE B 190 -6.01 -14.49 -14.35
C ILE B 190 -7.49 -14.71 -14.66
N PHE B 191 -7.79 -15.19 -15.86
CA PHE B 191 -9.17 -15.45 -16.34
C PHE B 191 -9.47 -16.96 -16.33
N THR B 192 -10.51 -17.38 -15.61
CA THR B 192 -11.10 -18.75 -15.59
C THR B 192 -12.62 -18.59 -15.68
N SER B 193 -13.36 -19.68 -15.93
CA SER B 193 -14.84 -19.69 -15.79
C SER B 193 -15.16 -19.77 -14.30
N GLY B 194 -15.84 -18.75 -13.76
CA GLY B 194 -16.24 -18.78 -12.35
C GLY B 194 -17.35 -19.78 -12.20
N THR B 195 -17.89 -19.88 -10.99
CA THR B 195 -18.69 -21.02 -10.53
C THR B 195 -20.13 -20.88 -11.06
N THR B 196 -20.59 -19.64 -11.26
CA THR B 196 -21.73 -19.31 -12.15
C THR B 196 -21.20 -19.55 -13.57
N GLY B 197 -21.92 -19.19 -14.63
CA GLY B 197 -21.25 -19.24 -15.95
C GLY B 197 -20.07 -18.25 -16.14
N ARG B 198 -20.13 -17.05 -15.52
CA ARG B 198 -19.35 -15.81 -15.78
C ARG B 198 -17.82 -16.03 -15.87
N PRO B 199 -17.14 -15.31 -16.80
CA PRO B 199 -15.68 -15.34 -16.87
C PRO B 199 -15.15 -14.67 -15.58
N LYS B 200 -14.18 -15.30 -14.93
CA LYS B 200 -13.67 -14.89 -13.60
C LYS B 200 -12.30 -14.26 -13.84
N GLY B 201 -12.14 -12.94 -13.64
CA GLY B 201 -10.87 -12.24 -13.87
C GLY B 201 -10.28 -11.71 -12.57
N VAL B 202 -9.32 -12.43 -11.99
CA VAL B 202 -8.67 -12.03 -10.70
C VAL B 202 -7.61 -10.96 -11.03
N VAL B 203 -7.91 -9.70 -10.69
CA VAL B 203 -7.03 -8.51 -10.94
C VAL B 203 -6.04 -8.46 -9.78
N MET B 204 -4.75 -8.52 -10.09
CA MET B 204 -3.68 -8.55 -9.06
C MET B 204 -2.70 -7.41 -9.34
N SER B 205 -2.58 -6.51 -8.37
CA SER B 205 -1.67 -5.35 -8.29
C SER B 205 -0.24 -5.87 -8.21
N HIS B 206 0.72 -5.08 -8.70
CA HIS B 206 2.17 -5.34 -8.53
C HIS B 206 2.46 -5.50 -7.05
N ARG B 207 1.91 -4.63 -6.22
CA ARG B 207 2.25 -4.59 -4.77
C ARG B 207 1.76 -5.88 -4.07
N SER B 208 0.59 -6.38 -4.45
CA SER B 208 0.03 -7.65 -3.89
C SER B 208 1.00 -8.84 -4.18
N VAL B 209 1.41 -9.02 -5.44
CA VAL B 209 2.25 -10.18 -5.88
C VAL B 209 3.61 -10.08 -5.19
N VAL B 210 4.24 -8.92 -5.31
CA VAL B 210 5.60 -8.71 -4.74
C VAL B 210 5.54 -9.05 -3.25
N SER B 211 4.41 -8.75 -2.60
CA SER B 211 4.23 -8.97 -1.14
C SER B 211 4.27 -10.47 -0.90
N LEU B 212 3.57 -11.25 -1.73
CA LEU B 212 3.69 -12.72 -1.61
C LEU B 212 5.14 -13.18 -1.79
N TYR B 213 5.76 -12.81 -2.90
CA TYR B 213 7.18 -13.16 -3.17
C TYR B 213 8.07 -12.82 -1.98
N ARG B 214 7.85 -11.69 -1.30
CA ARG B 214 8.73 -11.24 -0.20
C ARG B 214 8.56 -12.17 0.99
N ALA B 215 7.30 -12.45 1.33
CA ALA B 215 6.87 -13.34 2.45
C ALA B 215 7.52 -14.73 2.30
N ILE B 216 7.35 -15.37 1.14
CA ILE B 216 7.87 -16.74 0.85
C ILE B 216 9.40 -16.70 0.79
N LEU B 217 10.04 -15.65 0.27
CA LEU B 217 11.53 -15.52 0.34
C LEU B 217 11.95 -15.57 1.82
N GLU B 218 11.21 -14.93 2.72
CA GLU B 218 11.53 -14.85 4.18
C GLU B 218 11.65 -16.27 4.78
N GLN B 219 10.77 -17.21 4.36
CA GLN B 219 10.77 -18.68 4.69
C GLN B 219 12.08 -19.38 4.33
N GLY B 220 12.66 -19.01 3.18
CA GLY B 220 13.97 -19.53 2.71
C GLY B 220 13.86 -20.94 2.17
N LEU B 221 12.78 -21.25 1.43
CA LEU B 221 12.54 -22.54 0.74
C LEU B 221 13.67 -22.87 -0.25
N ILE B 222 14.30 -21.86 -0.84
CA ILE B 222 15.03 -21.91 -2.13
C ILE B 222 16.30 -21.10 -1.91
N THR B 223 17.42 -21.45 -2.55
CA THR B 223 18.68 -20.63 -2.55
C THR B 223 19.04 -20.31 -4.00
N PRO B 224 19.95 -19.34 -4.28
CA PRO B 224 20.40 -19.07 -5.66
C PRO B 224 20.99 -20.28 -6.39
N GLU B 225 21.42 -21.30 -5.66
CA GLU B 225 22.05 -22.50 -6.26
C GLU B 225 20.96 -23.45 -6.74
N ASP B 226 19.69 -23.23 -6.42
CA ASP B 226 18.58 -24.15 -6.81
C ASP B 226 18.20 -23.97 -8.28
N ARG B 227 17.61 -25.02 -8.84
CA ARG B 227 17.04 -25.08 -10.22
C ARG B 227 15.60 -25.58 -10.10
N ILE B 228 14.63 -24.69 -10.34
CA ILE B 228 13.19 -24.93 -10.08
C ILE B 228 12.56 -25.46 -11.37
N ALA B 229 12.26 -26.75 -11.41
CA ALA B 229 11.44 -27.35 -12.47
C ALA B 229 10.01 -26.91 -12.25
N THR B 230 9.46 -26.17 -13.20
CA THR B 230 8.08 -25.65 -13.17
C THR B 230 7.33 -26.38 -14.26
N THR B 231 6.11 -26.83 -13.94
CA THR B 231 5.22 -27.67 -14.79
C THR B 231 3.90 -26.96 -15.12
N SER B 232 3.51 -25.93 -14.36
CA SER B 232 2.16 -25.34 -14.53
C SER B 232 2.13 -24.54 -15.83
N PRO B 233 0.97 -24.45 -16.51
CA PRO B 233 0.81 -23.52 -17.62
C PRO B 233 0.90 -22.07 -17.11
N LEU B 234 1.26 -21.16 -17.99
CA LEU B 234 1.48 -19.74 -17.62
C LEU B 234 0.16 -19.10 -17.13
N GLN B 235 -1.01 -19.51 -17.62
CA GLN B 235 -2.32 -18.92 -17.25
C GLN B 235 -2.69 -19.32 -15.80
N PHE B 236 -1.88 -20.14 -15.15
CA PHE B 236 -2.10 -20.54 -13.75
C PHE B 236 -1.04 -19.82 -12.90
N ASP B 237 -1.48 -19.18 -11.81
CA ASP B 237 -0.60 -18.28 -11.01
C ASP B 237 0.46 -19.14 -10.30
N PHE B 238 0.29 -20.47 -10.31
CA PHE B 238 1.35 -21.39 -9.83
C PHE B 238 2.62 -21.13 -10.65
N ALA B 239 2.46 -20.99 -11.96
CA ALA B 239 3.60 -20.63 -12.85
C ALA B 239 4.14 -19.28 -12.40
N LEU B 240 3.25 -18.31 -12.10
CA LEU B 240 3.66 -16.93 -11.74
C LEU B 240 4.37 -16.99 -10.39
N PHE B 241 3.98 -17.96 -9.56
CA PHE B 241 4.61 -18.20 -8.23
C PHE B 241 6.04 -18.68 -8.46
N ASP B 242 6.19 -19.66 -9.36
CA ASP B 242 7.47 -20.37 -9.56
C ASP B 242 8.46 -19.37 -10.19
N ILE B 243 8.00 -18.56 -11.14
CA ILE B 243 8.85 -17.58 -11.87
C ILE B 243 9.39 -16.56 -10.86
N GLY B 244 8.50 -16.03 -10.00
CA GLY B 244 8.85 -14.98 -9.03
C GLY B 244 9.73 -15.52 -7.93
N LEU B 245 9.39 -16.73 -7.48
CA LEU B 245 10.17 -17.39 -6.41
C LEU B 245 11.61 -17.56 -6.88
N ALA B 246 11.81 -18.05 -8.10
CA ALA B 246 13.15 -18.41 -8.65
C ALA B 246 13.95 -17.14 -8.95
N LEU B 247 13.39 -16.27 -9.80
CA LEU B 247 14.06 -15.01 -10.21
C LEU B 247 14.24 -14.09 -9.00
N GLY B 248 13.23 -13.98 -8.12
CA GLY B 248 13.38 -13.18 -6.90
C GLY B 248 14.61 -13.62 -6.13
N THR B 249 14.83 -14.93 -6.02
CA THR B 249 15.91 -15.50 -5.17
C THR B 249 17.26 -15.34 -5.87
N GLY B 250 17.27 -15.22 -7.20
CA GLY B 250 18.48 -15.35 -8.03
C GLY B 250 18.79 -16.79 -8.39
N ALA B 251 17.81 -17.67 -8.23
CA ALA B 251 17.85 -19.08 -8.68
C ALA B 251 17.51 -19.17 -10.18
N ALA B 252 17.65 -20.38 -10.73
CA ALA B 252 17.33 -20.67 -12.15
C ALA B 252 15.95 -21.32 -12.22
N LEU B 253 15.13 -20.89 -13.17
CA LEU B 253 13.86 -21.54 -13.55
C LEU B 253 14.13 -22.61 -14.61
N VAL B 254 13.51 -23.80 -14.49
CA VAL B 254 13.61 -24.92 -15.48
C VAL B 254 12.21 -25.24 -16.01
N PRO B 255 11.72 -24.53 -17.04
CA PRO B 255 10.41 -24.80 -17.60
C PRO B 255 10.42 -26.22 -18.17
N VAL B 256 9.49 -27.04 -17.69
CA VAL B 256 9.21 -28.40 -18.18
C VAL B 256 8.18 -28.27 -19.29
N PRO B 257 8.55 -28.61 -20.55
CA PRO B 257 7.63 -28.51 -21.68
C PRO B 257 6.40 -29.36 -21.34
N ARG B 258 5.21 -28.83 -21.59
CA ARG B 258 3.92 -29.46 -21.21
C ARG B 258 3.81 -30.83 -21.87
N GLU B 259 4.37 -31.02 -23.07
CA GLU B 259 4.36 -32.32 -23.82
C GLU B 259 5.01 -33.41 -22.96
N GLU B 260 6.23 -33.22 -22.43
CA GLU B 260 7.04 -34.28 -21.73
C GLU B 260 6.32 -34.85 -20.50
N LEU B 261 5.29 -34.18 -19.98
CA LEU B 261 4.54 -34.54 -18.75
C LEU B 261 3.68 -35.79 -19.02
N ASN B 262 3.10 -35.94 -20.20
CA ASN B 262 2.38 -37.19 -20.64
C ASN B 262 3.35 -38.40 -20.64
N TRP B 263 4.65 -38.19 -20.89
CA TRP B 263 5.65 -39.27 -21.12
C TRP B 263 6.60 -39.39 -19.92
N PRO B 264 6.22 -40.19 -18.90
CA PRO B 264 6.97 -40.31 -17.64
C PRO B 264 8.48 -40.52 -17.78
N ARG B 265 8.95 -41.35 -18.71
CA ARG B 265 10.41 -41.56 -18.88
C ARG B 265 11.08 -40.26 -19.38
N ARG B 266 10.42 -39.52 -20.27
CA ARG B 266 10.96 -38.28 -20.88
C ARG B 266 10.98 -37.19 -19.81
N PHE B 267 9.95 -37.16 -18.96
CA PHE B 267 9.83 -36.20 -17.83
C PHE B 267 11.01 -36.38 -16.85
N LEU B 268 11.28 -37.61 -16.42
CA LEU B 268 12.37 -37.90 -15.45
C LEU B 268 13.72 -37.65 -16.14
N ALA B 269 13.82 -37.95 -17.43
CA ALA B 269 15.06 -37.74 -18.21
C ALA B 269 15.37 -36.24 -18.25
N PHE B 270 14.33 -35.42 -18.39
CA PHE B 270 14.41 -33.94 -18.48
C PHE B 270 14.97 -33.37 -17.17
N LEU B 271 14.37 -33.79 -16.05
CA LEU B 271 14.75 -33.34 -14.67
C LEU B 271 16.20 -33.76 -14.42
N GLY B 272 16.57 -35.00 -14.76
CA GLY B 272 17.94 -35.50 -14.63
C GLY B 272 18.92 -34.67 -15.45
N ASP B 273 18.64 -34.47 -16.74
CA ASP B 273 19.58 -33.82 -17.70
C ASP B 273 19.81 -32.34 -17.31
N THR B 274 18.80 -31.65 -16.74
CA THR B 274 18.83 -30.20 -16.43
C THR B 274 19.37 -29.92 -15.02
N GLY B 275 19.48 -30.94 -14.15
CA GLY B 275 19.96 -30.82 -12.76
C GLY B 275 18.96 -30.09 -11.87
N ALA B 276 17.66 -30.16 -12.20
CA ALA B 276 16.54 -29.68 -11.37
C ALA B 276 16.76 -30.12 -9.91
N THR B 277 16.71 -29.18 -8.96
CA THR B 277 16.87 -29.48 -7.51
C THR B 277 15.51 -29.38 -6.82
N GLN B 278 14.52 -28.79 -7.48
CA GLN B 278 13.15 -28.63 -6.94
C GLN B 278 12.18 -28.96 -8.07
N VAL B 279 11.09 -29.66 -7.78
CA VAL B 279 10.04 -29.94 -8.78
C VAL B 279 8.71 -29.43 -8.25
N HIS B 280 8.13 -28.46 -8.97
CA HIS B 280 6.85 -27.81 -8.61
C HIS B 280 5.79 -28.26 -9.61
N GLY B 281 4.64 -28.69 -9.12
CA GLY B 281 3.45 -29.00 -9.94
C GLY B 281 2.31 -29.51 -9.09
N VAL B 282 1.11 -29.41 -9.62
CA VAL B 282 -0.12 -29.98 -9.00
C VAL B 282 0.15 -31.47 -8.77
N PRO B 283 -0.60 -32.15 -7.86
CA PRO B 283 -0.41 -33.57 -7.57
C PRO B 283 -0.36 -34.44 -8.83
N SER B 284 -1.27 -34.23 -9.78
CA SER B 284 -1.36 -34.85 -11.13
C SER B 284 -0.01 -35.19 -11.77
N ILE B 285 0.95 -34.28 -11.74
CA ILE B 285 2.24 -34.47 -12.48
C ILE B 285 2.93 -35.76 -12.01
N TRP B 286 2.60 -36.29 -10.82
CA TRP B 286 3.31 -37.48 -10.27
C TRP B 286 2.60 -38.79 -10.66
N ARG B 287 1.34 -38.75 -11.11
CA ARG B 287 0.51 -39.97 -11.23
C ARG B 287 1.11 -40.87 -12.31
N PRO B 288 1.36 -40.37 -13.55
CA PRO B 288 2.01 -41.20 -14.57
C PRO B 288 3.34 -41.80 -14.10
N VAL B 289 4.11 -41.07 -13.30
CA VAL B 289 5.49 -41.48 -12.93
C VAL B 289 5.41 -42.61 -11.90
N LEU B 290 4.40 -42.52 -11.02
CA LEU B 290 4.24 -43.45 -9.87
C LEU B 290 3.69 -44.79 -10.37
N ARG B 291 2.83 -44.77 -11.40
CA ARG B 291 2.31 -45.98 -12.09
C ARG B 291 3.39 -46.63 -12.94
N HIS B 292 4.12 -45.89 -13.77
CA HIS B 292 4.88 -46.47 -14.91
C HIS B 292 6.39 -46.47 -14.64
N GLU B 293 6.93 -45.56 -13.81
CA GLU B 293 8.41 -45.43 -13.67
C GLU B 293 8.83 -45.08 -12.25
N PRO B 294 8.33 -45.79 -11.20
CA PRO B 294 8.76 -45.54 -9.82
C PRO B 294 10.26 -45.85 -9.60
N GLU B 295 10.82 -46.76 -10.37
CA GLU B 295 12.26 -47.12 -10.28
C GLU B 295 13.10 -45.90 -10.70
N LEU B 296 12.72 -45.24 -11.79
CA LEU B 296 13.56 -44.18 -12.42
C LEU B 296 13.48 -42.89 -11.59
N LEU B 297 12.32 -42.65 -10.95
CA LEU B 297 12.06 -41.47 -10.09
C LEU B 297 12.99 -41.51 -8.88
N ALA B 298 13.15 -42.71 -8.30
CA ALA B 298 14.10 -42.98 -7.18
C ALA B 298 15.52 -42.62 -7.61
N GLY B 299 15.79 -42.49 -8.90
CA GLY B 299 17.14 -42.23 -9.42
C GLY B 299 17.50 -40.76 -9.49
N LEU B 300 16.57 -39.83 -9.29
CA LEU B 300 16.86 -38.37 -9.32
C LEU B 300 17.57 -37.93 -8.04
N ASP B 301 18.88 -38.12 -7.92
CA ASP B 301 19.61 -37.76 -6.66
C ASP B 301 19.76 -36.23 -6.49
N ARG B 302 19.54 -35.42 -7.52
CA ARG B 302 19.76 -33.95 -7.45
C ARG B 302 18.57 -33.26 -6.76
N VAL B 303 17.41 -33.91 -6.70
CA VAL B 303 16.12 -33.31 -6.22
C VAL B 303 16.14 -33.16 -4.68
N ARG B 304 16.21 -31.92 -4.17
CA ARG B 304 16.17 -31.59 -2.72
C ARG B 304 14.73 -31.31 -2.25
N GLY B 305 13.81 -30.95 -3.16
CA GLY B 305 12.48 -30.48 -2.78
C GLY B 305 11.41 -30.69 -3.84
N ILE B 306 10.18 -30.95 -3.41
CA ILE B 306 8.95 -30.96 -4.25
C ILE B 306 7.94 -29.99 -3.64
N LEU B 307 7.24 -29.22 -4.45
CA LEU B 307 6.16 -28.32 -3.99
C LEU B 307 4.89 -28.59 -4.79
N PHE B 308 3.76 -28.73 -4.13
CA PHE B 308 2.48 -28.89 -4.86
C PHE B 308 1.45 -27.94 -4.26
N THR B 309 0.38 -27.71 -5.02
CA THR B 309 -0.81 -26.91 -4.61
C THR B 309 -1.89 -27.29 -5.62
N GLY B 310 -3.06 -26.73 -5.51
CA GLY B 310 -4.16 -26.88 -6.48
C GLY B 310 -5.28 -27.70 -5.89
N GLU B 311 -4.93 -28.81 -5.23
CA GLU B 311 -5.90 -29.80 -4.69
C GLU B 311 -5.19 -30.76 -3.71
N ASP B 312 -5.98 -31.55 -2.97
CA ASP B 312 -5.53 -32.58 -1.98
C ASP B 312 -4.49 -33.49 -2.68
N PHE B 313 -3.39 -33.80 -2.04
CA PHE B 313 -2.49 -34.85 -2.57
C PHE B 313 -3.02 -36.17 -2.02
N PRO B 314 -3.59 -37.11 -2.83
CA PRO B 314 -4.02 -38.40 -2.30
C PRO B 314 -2.83 -39.00 -1.52
N LEU B 315 -3.08 -39.42 -0.28
CA LEU B 315 -2.03 -39.82 0.70
C LEU B 315 -1.26 -41.06 0.25
N PRO B 316 -1.91 -42.09 -0.35
CA PRO B 316 -1.18 -43.25 -0.89
C PRO B 316 -0.12 -42.86 -1.92
N GLU B 317 -0.46 -41.99 -2.87
CA GLU B 317 0.50 -41.43 -3.87
C GLU B 317 1.53 -40.58 -3.14
N LEU B 318 1.15 -39.81 -2.13
CA LEU B 318 2.10 -38.93 -1.42
C LEU B 318 3.13 -39.77 -0.66
N ARG B 319 2.69 -40.81 0.07
CA ARG B 319 3.56 -41.77 0.83
C ARG B 319 4.48 -42.54 -0.13
N HIS B 320 3.95 -42.95 -1.28
CA HIS B 320 4.72 -43.59 -2.38
C HIS B 320 5.84 -42.65 -2.87
N LEU B 321 5.48 -41.41 -3.22
CA LEU B 321 6.45 -40.41 -3.74
C LEU B 321 7.52 -40.18 -2.68
N GLN B 322 7.12 -40.00 -1.42
CA GLN B 322 8.08 -39.76 -0.32
C GLN B 322 9.05 -40.93 -0.20
N GLY B 323 8.51 -42.16 -0.16
CA GLY B 323 9.28 -43.41 -0.08
C GLY B 323 10.34 -43.49 -1.17
N LEU B 324 10.00 -43.05 -2.39
CA LEU B 324 10.88 -43.13 -3.59
C LEU B 324 11.97 -42.03 -3.58
N LEU B 325 11.70 -40.85 -3.01
CA LEU B 325 12.74 -39.79 -2.84
C LEU B 325 12.81 -39.40 -1.38
N PRO B 326 13.40 -40.26 -0.51
CA PRO B 326 13.30 -40.05 0.93
C PRO B 326 14.13 -38.87 1.44
N HIS B 327 15.14 -38.42 0.70
CA HIS B 327 16.00 -37.24 1.04
C HIS B 327 15.46 -35.94 0.41
N ALA B 328 14.16 -35.84 0.13
CA ALA B 328 13.55 -34.70 -0.58
C ALA B 328 12.40 -34.16 0.25
N ARG B 329 12.47 -32.87 0.60
CA ARG B 329 11.42 -32.12 1.37
C ARG B 329 10.23 -31.91 0.44
N ILE B 330 9.04 -32.25 0.89
CA ILE B 330 7.76 -31.98 0.17
C ILE B 330 7.04 -30.83 0.88
N VAL B 331 6.64 -29.81 0.14
CA VAL B 331 5.91 -28.65 0.70
C VAL B 331 4.49 -28.65 0.12
N ASN B 332 3.53 -28.63 1.04
CA ASN B 332 2.09 -28.39 0.80
C ASN B 332 1.87 -26.87 0.72
N GLY B 333 1.67 -26.33 -0.49
CA GLY B 333 1.29 -24.94 -0.71
C GLY B 333 -0.22 -24.80 -0.77
N TYR B 334 -0.78 -24.02 0.15
CA TYR B 334 -2.25 -23.71 0.18
C TYR B 334 -2.45 -22.23 -0.15
N GLY B 335 -3.45 -21.94 -0.97
CA GLY B 335 -4.00 -20.59 -1.18
C GLY B 335 -4.79 -20.55 -2.46
N ALA B 336 -5.41 -19.41 -2.72
CA ALA B 336 -6.18 -19.13 -3.96
C ALA B 336 -5.52 -18.02 -4.77
N THR B 337 -5.90 -17.93 -6.05
CA THR B 337 -5.50 -16.83 -6.98
C THR B 337 -5.78 -15.44 -6.36
N GLU B 338 -6.88 -15.30 -5.61
CA GLU B 338 -7.32 -14.02 -5.02
C GLU B 338 -6.25 -13.43 -4.10
N SER B 339 -5.30 -14.24 -3.59
CA SER B 339 -4.17 -13.77 -2.75
C SER B 339 -2.84 -14.37 -3.22
N MET B 340 -2.84 -14.98 -4.44
CA MET B 340 -1.83 -15.92 -5.00
C MET B 340 -1.67 -17.14 -4.07
N ALA B 341 -1.30 -16.94 -2.81
CA ALA B 341 -1.08 -18.03 -1.84
C ALA B 341 -1.26 -17.53 -0.40
N CYS B 342 -1.08 -18.44 0.56
CA CYS B 342 -1.53 -18.30 1.95
C CYS B 342 -0.57 -19.02 2.91
N SER B 343 -0.38 -20.34 2.76
CA SER B 343 0.49 -21.13 3.67
C SER B 343 1.34 -22.15 2.89
N PHE B 344 2.52 -22.43 3.44
CA PHE B 344 3.51 -23.41 2.93
C PHE B 344 3.96 -24.24 4.11
N THR B 345 3.54 -25.51 4.16
CA THR B 345 3.79 -26.48 5.26
C THR B 345 4.55 -27.71 4.71
N GLU B 346 5.74 -27.96 5.25
CA GLU B 346 6.55 -29.18 5.00
C GLU B 346 5.73 -30.38 5.49
N VAL B 347 5.59 -31.40 4.63
CA VAL B 347 4.91 -32.70 4.95
C VAL B 347 5.82 -33.45 5.91
N PRO B 348 5.27 -34.01 7.01
CA PRO B 348 6.11 -34.72 7.98
C PRO B 348 6.81 -35.91 7.31
N ARG B 349 8.10 -36.09 7.62
CA ARG B 349 9.01 -37.06 6.96
C ARG B 349 9.53 -38.00 8.04
N PRO B 350 9.00 -39.22 8.16
CA PRO B 350 8.06 -39.79 7.20
C PRO B 350 6.61 -39.47 7.57
N ILE B 351 5.68 -39.75 6.68
CA ILE B 351 4.25 -39.46 6.96
C ILE B 351 3.84 -40.42 8.05
N PRO B 352 3.21 -39.96 9.15
CA PRO B 352 2.65 -40.87 10.13
C PRO B 352 1.67 -41.88 9.51
N SER B 353 1.78 -43.14 9.91
CA SER B 353 0.89 -44.26 9.47
C SER B 353 -0.57 -44.03 9.90
N ASP B 354 -0.83 -43.25 10.96
CA ASP B 354 -2.21 -42.89 11.42
C ASP B 354 -2.74 -41.58 10.78
N LEU B 355 -1.95 -40.86 9.95
CA LEU B 355 -2.32 -39.47 9.52
C LEU B 355 -3.55 -39.48 8.62
N GLU B 356 -4.61 -38.79 9.03
CA GLU B 356 -5.92 -38.72 8.33
C GLU B 356 -5.77 -37.76 7.13
N ARG B 357 -5.11 -36.64 7.38
CA ARG B 357 -5.20 -35.39 6.58
C ARG B 357 -3.88 -34.62 6.67
N LEU B 358 -3.46 -34.03 5.55
CA LEU B 358 -2.28 -33.14 5.51
C LEU B 358 -2.61 -31.81 6.16
N SER B 359 -1.67 -31.26 6.95
CA SER B 359 -1.82 -29.89 7.54
C SER B 359 -1.43 -28.83 6.50
N ILE B 360 -2.25 -27.77 6.39
CA ILE B 360 -1.92 -26.54 5.63
C ILE B 360 -1.37 -25.52 6.63
N GLY B 361 -0.94 -26.01 7.80
CA GLY B 361 -0.01 -25.34 8.75
C GLY B 361 -0.48 -23.97 9.18
N PHE B 362 0.44 -23.01 9.13
CA PHE B 362 0.26 -21.59 9.55
C PHE B 362 0.36 -20.68 8.34
N PRO B 363 -0.47 -19.62 8.25
CA PRO B 363 -0.31 -18.61 7.19
C PRO B 363 1.10 -18.01 7.29
N LEU B 364 1.65 -17.56 6.15
CA LEU B 364 3.00 -16.94 6.08
C LEU B 364 3.09 -15.80 7.08
N PRO B 365 4.30 -15.40 7.50
CA PRO B 365 4.47 -14.17 8.28
C PRO B 365 3.81 -12.98 7.56
N GLY B 366 2.97 -12.25 8.28
CA GLY B 366 2.20 -11.11 7.73
C GLY B 366 0.91 -11.57 7.07
N PHE B 367 0.49 -12.81 7.29
CA PHE B 367 -0.82 -13.31 6.80
C PHE B 367 -1.57 -13.78 8.02
N ASP B 368 -2.90 -13.75 8.00
CA ASP B 368 -3.67 -14.17 9.17
C ASP B 368 -5.01 -14.74 8.71
N VAL B 369 -5.48 -15.79 9.41
CA VAL B 369 -6.76 -16.48 9.10
C VAL B 369 -7.68 -16.43 10.31
N SER B 370 -8.91 -16.02 10.10
CA SER B 370 -10.05 -16.30 11.00
C SER B 370 -10.85 -17.47 10.45
N LEU B 371 -11.14 -18.46 11.29
CA LEU B 371 -12.19 -19.48 11.02
C LEU B 371 -13.52 -18.98 11.62
N LEU B 372 -14.47 -18.58 10.79
CA LEU B 372 -15.79 -18.08 11.20
C LEU B 372 -16.87 -19.10 10.88
N ASP B 373 -17.88 -19.19 11.74
CA ASP B 373 -19.13 -19.99 11.55
C ASP B 373 -20.01 -19.23 10.55
N GLU B 374 -21.19 -19.78 10.26
CA GLU B 374 -22.16 -19.36 9.21
C GLU B 374 -22.65 -17.93 9.49
N HIS B 375 -22.57 -17.50 10.76
CA HIS B 375 -23.00 -16.16 11.24
C HIS B 375 -21.78 -15.23 11.37
N GLY B 376 -20.59 -15.70 11.00
CA GLY B 376 -19.38 -14.86 11.06
C GLY B 376 -18.81 -14.77 12.46
N ARG B 377 -19.12 -15.74 13.32
CA ARG B 377 -18.60 -15.79 14.72
C ARG B 377 -17.33 -16.62 14.73
N PRO B 378 -16.27 -16.22 15.46
CA PRO B 378 -15.06 -17.04 15.55
C PRO B 378 -15.43 -18.46 16.03
N VAL B 379 -14.94 -19.47 15.32
CA VAL B 379 -14.85 -20.89 15.80
C VAL B 379 -13.65 -20.98 16.73
N GLU B 380 -13.83 -21.32 18.00
CA GLU B 380 -12.71 -21.39 18.96
C GLU B 380 -12.69 -22.77 19.64
N GLU B 381 -13.16 -23.81 18.93
CA GLU B 381 -13.00 -25.23 19.32
C GLU B 381 -12.09 -25.92 18.30
N ILE B 382 -10.95 -26.42 18.78
CA ILE B 382 -10.11 -27.45 18.11
C ILE B 382 -11.00 -28.47 17.39
N GLY B 383 -10.67 -28.80 16.14
CA GLY B 383 -11.34 -29.86 15.36
C GLY B 383 -12.60 -29.38 14.65
N VAL B 384 -13.16 -28.20 15.00
CA VAL B 384 -14.39 -27.68 14.35
C VAL B 384 -14.04 -26.80 13.14
N ALA B 385 -14.64 -27.15 12.00
CA ALA B 385 -14.51 -26.46 10.71
C ALA B 385 -15.32 -25.17 10.72
N GLY B 386 -14.72 -24.10 10.23
CA GLY B 386 -15.35 -22.81 9.88
C GLY B 386 -14.79 -22.28 8.58
N GLN B 387 -15.42 -21.25 7.99
CA GLN B 387 -14.99 -20.69 6.70
C GLN B 387 -13.72 -19.85 6.93
N ILE B 388 -12.65 -20.11 6.18
CA ILE B 388 -11.39 -19.30 6.19
C ILE B 388 -11.71 -17.87 5.75
N HIS B 389 -11.40 -16.87 6.59
CA HIS B 389 -11.32 -15.43 6.22
C HIS B 389 -9.85 -15.01 6.31
N LEU B 390 -9.27 -14.57 5.20
CA LEU B 390 -7.80 -14.33 5.08
C LEU B 390 -7.52 -12.82 5.11
N ARG B 391 -6.59 -12.43 5.97
CA ARG B 391 -6.00 -11.08 5.98
C ARG B 391 -4.60 -11.24 5.40
N ALA B 392 -4.27 -10.51 4.34
CA ALA B 392 -2.99 -10.71 3.61
C ALA B 392 -2.51 -9.41 2.95
N PRO B 393 -1.19 -9.23 2.78
CA PRO B 393 -0.68 -8.07 2.05
C PRO B 393 -0.84 -8.33 0.54
N SER B 394 -1.26 -9.52 0.13
CA SER B 394 -1.17 -9.92 -1.30
C SER B 394 -2.57 -9.97 -1.94
N MET B 395 -3.53 -9.22 -1.46
CA MET B 395 -4.95 -9.36 -1.89
C MET B 395 -5.21 -8.81 -3.29
N PHE B 396 -6.02 -9.52 -4.06
CA PHE B 396 -6.54 -9.04 -5.37
C PHE B 396 -7.30 -7.72 -5.16
N SER B 397 -7.40 -6.92 -6.22
CA SER B 397 -8.11 -5.63 -6.32
C SER B 397 -9.60 -5.84 -6.61
N GLY B 398 -9.97 -6.95 -7.23
CA GLY B 398 -11.36 -7.20 -7.62
C GLY B 398 -11.49 -8.19 -8.77
N TYR B 399 -12.71 -8.59 -9.05
CA TYR B 399 -13.05 -9.44 -10.21
C TYR B 399 -13.31 -8.50 -11.38
N TRP B 400 -12.60 -8.69 -12.49
CA TRP B 400 -12.79 -7.93 -13.75
C TRP B 400 -14.27 -7.72 -14.04
N ASP B 401 -14.71 -6.50 -14.11
CA ASP B 401 -16.09 -6.12 -14.53
C ASP B 401 -17.17 -6.86 -13.72
N ASP B 402 -16.91 -7.18 -12.44
CA ASP B 402 -17.87 -7.93 -11.59
C ASP B 402 -17.81 -7.42 -10.16
N PRO B 403 -18.38 -6.23 -9.89
CA PRO B 403 -18.38 -5.66 -8.54
C PRO B 403 -19.30 -6.39 -7.55
N GLU B 404 -20.42 -6.97 -8.00
CA GLU B 404 -21.28 -7.79 -7.13
C GLU B 404 -20.43 -8.94 -6.54
N ALA B 405 -19.75 -9.70 -7.40
CA ALA B 405 -18.95 -10.87 -6.97
C ALA B 405 -17.86 -10.37 -6.01
N THR B 406 -17.22 -9.23 -6.32
CA THR B 406 -16.11 -8.67 -5.53
C THR B 406 -16.60 -8.35 -4.12
N ALA B 407 -17.80 -7.80 -3.99
CA ALA B 407 -18.43 -7.40 -2.70
C ALA B 407 -18.86 -8.65 -1.89
N ARG B 408 -19.02 -9.82 -2.50
CA ARG B 408 -19.38 -11.07 -1.78
C ARG B 408 -18.13 -11.83 -1.35
N VAL B 409 -16.94 -11.41 -1.76
CA VAL B 409 -15.68 -12.17 -1.53
C VAL B 409 -14.72 -11.32 -0.71
N LEU B 410 -14.60 -10.05 -1.05
CA LEU B 410 -13.78 -9.02 -0.34
C LEU B 410 -14.74 -8.22 0.55
N VAL B 411 -14.79 -8.53 1.87
CA VAL B 411 -15.92 -8.12 2.79
C VAL B 411 -15.35 -7.39 4.00
N SER B 412 -16.20 -6.59 4.66
CA SER B 412 -15.84 -6.01 5.97
C SER B 412 -15.37 -7.14 6.87
N ASP B 413 -14.19 -7.00 7.48
CA ASP B 413 -13.65 -7.93 8.50
C ASP B 413 -14.73 -8.14 9.56
N PRO B 414 -15.32 -9.35 9.74
CA PRO B 414 -16.33 -9.57 10.77
C PRO B 414 -15.82 -9.40 12.20
N LEU B 415 -14.50 -9.33 12.42
CA LEU B 415 -13.90 -9.11 13.76
C LEU B 415 -13.61 -7.62 14.03
N ASP B 416 -13.96 -6.76 13.07
CA ASP B 416 -13.60 -5.32 12.96
C ASP B 416 -14.46 -4.66 11.89
N PRO B 417 -15.80 -4.86 11.91
CA PRO B 417 -16.66 -4.46 10.79
C PRO B 417 -16.77 -2.94 10.52
N ARG B 418 -16.34 -2.06 11.44
CA ARG B 418 -16.58 -0.59 11.30
C ARG B 418 -15.37 0.13 10.68
N SER B 419 -14.19 -0.49 10.77
CA SER B 419 -12.92 0.08 10.28
C SER B 419 -13.01 0.29 8.77
N GLY B 420 -13.70 -0.59 8.05
CA GLY B 420 -13.69 -0.63 6.57
C GLY B 420 -12.55 -1.47 6.02
N ARG B 421 -11.57 -1.93 6.83
CA ARG B 421 -10.63 -3.02 6.47
C ARG B 421 -11.37 -4.18 5.76
N THR B 422 -10.88 -4.72 4.63
CA THR B 422 -11.51 -5.91 4.01
C THR B 422 -10.72 -7.20 4.32
N VAL B 423 -11.40 -8.34 4.30
CA VAL B 423 -10.78 -9.70 4.34
C VAL B 423 -11.27 -10.45 3.10
N LEU B 424 -10.56 -11.54 2.73
CA LEU B 424 -11.02 -12.49 1.69
C LEU B 424 -11.91 -13.55 2.34
N ARG B 425 -13.22 -13.52 2.00
CA ARG B 425 -14.24 -14.57 2.32
C ARG B 425 -13.92 -15.72 1.36
N SER B 426 -13.12 -16.69 1.80
CA SER B 426 -12.39 -17.66 0.94
C SER B 426 -13.30 -18.70 0.28
N GLY B 427 -14.49 -18.98 0.80
CA GLY B 427 -15.28 -20.12 0.29
C GLY B 427 -14.62 -21.49 0.60
N ASP B 428 -13.47 -21.52 1.29
CA ASP B 428 -12.78 -22.75 1.77
C ASP B 428 -13.04 -22.97 3.27
N LEU B 429 -13.43 -24.17 3.67
CA LEU B 429 -13.57 -24.58 5.09
C LEU B 429 -12.21 -25.03 5.62
N ALA B 430 -11.98 -24.86 6.90
CA ALA B 430 -10.81 -25.46 7.59
C ALA B 430 -11.11 -25.61 9.07
N TYR B 431 -10.32 -26.43 9.74
CA TYR B 431 -10.36 -26.60 11.21
C TYR B 431 -8.92 -26.50 11.73
N ARG B 432 -8.77 -26.24 13.03
CA ARG B 432 -7.47 -26.15 13.73
C ARG B 432 -7.23 -27.38 14.60
N GLY B 433 -5.96 -27.79 14.70
CA GLY B 433 -5.45 -28.81 15.63
C GLY B 433 -4.95 -28.14 16.90
N GLU B 434 -4.22 -28.87 17.72
CA GLU B 434 -3.95 -28.48 19.13
C GLU B 434 -2.86 -27.41 19.18
N ASP B 435 -2.05 -27.29 18.13
CA ASP B 435 -1.01 -26.22 18.06
C ASP B 435 -1.50 -25.09 17.15
N GLY B 436 -2.79 -25.07 16.81
CA GLY B 436 -3.42 -24.01 16.01
C GLY B 436 -3.18 -24.16 14.51
N GLU B 437 -2.55 -25.27 14.06
CA GLU B 437 -2.29 -25.54 12.62
C GLU B 437 -3.64 -25.74 11.93
N LEU B 438 -3.72 -25.44 10.63
CA LEU B 438 -4.97 -25.56 9.85
C LEU B 438 -4.98 -26.87 9.04
N TYR B 439 -6.19 -27.31 8.72
CA TYR B 439 -6.51 -28.50 7.90
C TYR B 439 -7.62 -28.08 6.95
N PHE B 440 -7.39 -28.22 5.66
CA PHE B 440 -8.40 -27.95 4.60
C PHE B 440 -9.53 -28.94 4.77
N ALA B 441 -10.78 -28.48 4.77
CA ALA B 441 -11.98 -29.34 4.95
C ALA B 441 -12.94 -29.11 3.78
N GLY B 442 -12.44 -28.72 2.61
CA GLY B 442 -13.23 -28.63 1.37
C GLY B 442 -13.92 -27.29 1.18
N ARG B 443 -14.73 -27.15 0.12
CA ARG B 443 -15.45 -25.92 -0.26
C ARG B 443 -16.75 -25.82 0.54
N VAL B 444 -17.20 -24.61 0.85
CA VAL B 444 -18.54 -24.41 1.48
C VAL B 444 -19.63 -24.58 0.40
N ASP B 445 -19.33 -24.30 -0.88
CA ASP B 445 -20.10 -24.73 -2.09
C ASP B 445 -20.56 -26.19 -1.95
N ALA B 446 -19.61 -27.12 -1.75
CA ALA B 446 -19.87 -28.57 -1.52
C ALA B 446 -20.92 -28.75 -0.41
N VAL B 474 -11.77 -40.32 -6.16
CA VAL B 474 -12.64 -39.16 -6.51
C VAL B 474 -14.11 -39.59 -6.40
N ALA B 475 -14.86 -38.88 -5.56
CA ALA B 475 -16.31 -39.03 -5.31
C ALA B 475 -17.03 -37.73 -5.68
N LEU B 476 -18.32 -37.82 -6.10
CA LEU B 476 -19.13 -36.71 -6.66
C LEU B 476 -20.58 -36.74 -6.17
N LEU B 477 -21.31 -35.63 -6.40
CA LEU B 477 -22.74 -35.41 -6.06
C LEU B 477 -23.42 -34.68 -7.24
N HIS B 488 -21.70 -40.99 -6.34
CA HIS B 488 -20.89 -41.74 -7.36
C HIS B 488 -19.41 -41.62 -7.01
N ALA B 489 -18.58 -42.57 -7.48
CA ALA B 489 -17.14 -42.71 -7.16
C ALA B 489 -16.36 -43.16 -8.39
N PHE B 490 -15.28 -42.45 -8.74
CA PHE B 490 -14.39 -42.78 -9.89
C PHE B 490 -13.00 -43.20 -9.38
N ILE B 528 -8.13 -40.46 -14.27
CA ILE B 528 -8.95 -39.24 -13.94
C ILE B 528 -8.63 -38.17 -14.98
N PRO B 529 -9.66 -37.59 -15.63
CA PRO B 529 -9.48 -36.54 -16.63
C PRO B 529 -9.05 -35.25 -15.92
N LEU B 530 -8.11 -34.52 -16.51
CA LEU B 530 -7.46 -33.34 -15.88
C LEU B 530 -7.91 -32.10 -16.66
N THR B 531 -8.02 -30.97 -15.95
CA THR B 531 -8.19 -29.61 -16.51
C THR B 531 -6.84 -29.21 -17.10
N VAL B 532 -6.81 -28.20 -17.97
CA VAL B 532 -5.54 -27.63 -18.53
C VAL B 532 -4.56 -27.34 -17.38
N ASN B 533 -5.07 -27.03 -16.19
CA ASN B 533 -4.19 -26.64 -15.05
C ASN B 533 -3.75 -27.89 -14.24
N GLY B 534 -4.29 -29.08 -14.52
CA GLY B 534 -3.84 -30.34 -13.90
C GLY B 534 -4.73 -30.75 -12.73
N LYS B 535 -5.86 -30.05 -12.58
CA LYS B 535 -6.83 -30.33 -11.50
C LYS B 535 -7.68 -31.51 -11.97
N VAL B 536 -8.43 -32.14 -11.08
CA VAL B 536 -9.52 -33.11 -11.43
C VAL B 536 -10.58 -32.31 -12.21
N ASP B 537 -10.87 -32.71 -13.44
CA ASP B 537 -12.00 -32.16 -14.23
C ASP B 537 -13.24 -32.81 -13.61
N ARG B 538 -13.67 -32.27 -12.48
CA ARG B 538 -14.92 -32.71 -11.79
C ARG B 538 -16.09 -32.48 -12.73
N ALA B 539 -16.10 -31.41 -13.53
CA ALA B 539 -17.18 -31.10 -14.49
C ALA B 539 -17.21 -32.15 -15.60
N ASP B 540 -16.06 -32.74 -15.95
CA ASP B 540 -15.97 -33.82 -16.97
C ASP B 540 -16.68 -35.07 -16.44
N LEU B 541 -16.31 -35.53 -15.23
CA LEU B 541 -16.81 -36.76 -14.57
C LEU B 541 -18.31 -36.66 -14.26
N ALA B 542 -18.81 -35.47 -13.98
CA ALA B 542 -20.22 -35.20 -13.57
C ALA B 542 -21.16 -35.35 -14.78
N THR B 543 -20.62 -35.26 -16.00
CA THR B 543 -21.41 -35.43 -17.26
C THR B 543 -21.63 -36.92 -17.58
N ARG B 544 -21.44 -37.85 -16.62
CA ARG B 544 -21.66 -39.30 -16.84
C ARG B 544 -22.89 -39.80 -16.05
#